data_6Y2I
#
_entry.id   6Y2I
#
_cell.length_a   75.314
_cell.length_b   75.314
_cell.length_c   149.230
_cell.angle_alpha   90.000
_cell.angle_beta   90.000
_cell.angle_gamma   120.000
#
_symmetry.space_group_name_H-M   'P 31'
#
loop_
_entity.id
_entity.type
_entity.pdbx_description
1 polymer '3-oxoacyl-[acyl-carrier-protein] synthase 1'
2 non-polymer 1,2-ETHANEDIOL
3 non-polymer ~{N}-(1~{H}-indazol-5-yl)butane-1-sulfonamide
4 non-polymer 'SODIUM ION'
5 non-polymer 'TETRAETHYLENE GLYCOL'
6 water water
#
_entity_poly.entity_id   1
_entity_poly.type   'polypeptide(L)'
_entity_poly.pdbx_seq_one_letter_code
;MGSSHHHHHHSSGLVPRGSHSQPSTANGGFPSVVVTAVTATTSISPDIESTWKGLLAGESGIHALEDEFVTKWDLAVKIG
GHLKDPVDSHMGRLDMRRMSYVQRMGKLLGGQLWESAGSPEVDPDRFAVVVGTGLGGAERIVESYDLMNAGGPRKVSPLA
VQMIMPNGAAAVIGLQLGARAGVMTPVSACSSGSEAIAHAWRQIVMGDADVAVCGGVEGPIEALPIAAFSMMRAMSTRND
EPERASRPFDKDRDGFVFGEAGALMLIETEEHAKARGAKPLARLLGAGITSDAFHMVAPAADGVRAGRAMTRSLELAGLS
PADIDHVNAHGTATPIGDAAEANAIRVAGCDQAAVYAPKSALGHSIGAVGALESVLTVLTLRDGVIPPTLNYETPDPEID
LDVVAGEPRYGDYRYAVNNSFGFGGHNVALAFGRY
;
_entity_poly.pdbx_strand_id   AAA,BBB
#
loop_
_chem_comp.id
_chem_comp.type
_chem_comp.name
_chem_comp.formula
EDO non-polymer 1,2-ETHANEDIOL 'C2 H6 O2'
NA non-polymer 'SODIUM ION' 'Na 1'
O6Z non-polymer ~{N}-(1~{H}-indazol-5-yl)butane-1-sulfonamide 'C11 H15 N3 O2 S'
PG4 non-polymer 'TETRAETHYLENE GLYCOL' 'C8 H18 O5'
#
# COMPACT_ATOMS: atom_id res chain seq x y z
N PRO A 23 -18.31 11.15 -17.02
CA PRO A 23 -17.01 10.77 -17.63
C PRO A 23 -16.74 9.26 -17.51
N SER A 24 -16.57 8.58 -18.64
CA SER A 24 -16.38 7.11 -18.75
C SER A 24 -15.45 6.79 -19.92
N THR A 25 -14.96 5.55 -19.98
CA THR A 25 -14.14 5.07 -21.12
C THR A 25 -14.98 5.12 -22.39
N ALA A 26 -16.24 4.66 -22.30
CA ALA A 26 -17.20 4.55 -23.44
C ALA A 26 -17.42 5.92 -24.09
N ASN A 27 -17.58 7.00 -23.30
CA ASN A 27 -17.95 8.35 -23.81
C ASN A 27 -16.69 9.19 -24.05
N GLY A 28 -15.50 8.59 -23.91
CA GLY A 28 -14.21 9.25 -24.19
C GLY A 28 -13.77 10.23 -23.11
N GLY A 29 -14.44 10.21 -21.96
CA GLY A 29 -14.10 11.03 -20.78
C GLY A 29 -12.75 10.61 -20.19
N PHE A 30 -12.42 9.32 -20.30
CA PHE A 30 -11.10 8.74 -19.97
C PHE A 30 -10.42 8.30 -21.26
N PRO A 31 -9.08 8.38 -21.35
CA PRO A 31 -8.37 7.86 -22.51
C PRO A 31 -8.48 6.33 -22.54
N SER A 32 -8.49 5.76 -23.75
CA SER A 32 -8.46 4.29 -23.99
C SER A 32 -7.15 3.73 -23.44
N VAL A 33 -7.23 2.72 -22.57
CA VAL A 33 -6.07 2.04 -21.96
C VAL A 33 -6.11 0.57 -22.40
N VAL A 34 -4.98 0.07 -22.92
CA VAL A 34 -4.87 -1.30 -23.48
C VAL A 34 -3.80 -2.08 -22.70
N VAL A 35 -3.98 -3.39 -22.64
CA VAL A 35 -2.97 -4.37 -22.12
C VAL A 35 -2.13 -4.83 -23.32
N THR A 36 -0.81 -4.62 -23.28
CA THR A 36 0.09 -4.90 -24.43
C THR A 36 1.06 -6.04 -24.16
N ALA A 37 1.19 -6.50 -22.90
CA ALA A 37 2.04 -7.66 -22.56
C ALA A 37 1.62 -8.20 -21.20
N VAL A 38 1.84 -9.50 -20.99
CA VAL A 38 1.56 -10.19 -19.70
C VAL A 38 2.69 -11.17 -19.42
N THR A 39 2.96 -11.40 -18.14
CA THR A 39 3.91 -12.43 -17.65
C THR A 39 3.36 -12.97 -16.34
N ALA A 40 3.62 -14.24 -16.07
CA ALA A 40 3.23 -14.86 -14.79
C ALA A 40 4.05 -16.12 -14.58
N THR A 41 4.31 -16.42 -13.31
CA THR A 41 4.89 -17.71 -12.86
C THR A 41 3.84 -18.37 -11.96
N THR A 42 3.56 -19.66 -12.17
CA THR A 42 2.49 -20.38 -11.44
C THR A 42 2.94 -21.79 -11.08
N SER A 43 2.08 -22.51 -10.37
CA SER A 43 2.29 -23.93 -9.99
C SER A 43 2.21 -24.84 -11.22
N ILE A 44 1.66 -24.37 -12.35
CA ILE A 44 1.56 -25.17 -13.60
C ILE A 44 2.81 -24.94 -14.48
N SER A 45 3.27 -23.70 -14.62
CA SER A 45 4.36 -23.35 -15.57
C SER A 45 4.97 -21.98 -15.23
N PRO A 46 6.25 -21.74 -15.58
CA PRO A 46 6.80 -20.38 -15.59
C PRO A 46 6.39 -19.52 -16.80
N ASP A 47 5.77 -20.14 -17.82
N ASP A 47 5.78 -20.13 -17.81
CA ASP A 47 5.33 -19.49 -19.08
CA ASP A 47 5.34 -19.49 -19.07
C ASP A 47 3.81 -19.33 -19.03
C ASP A 47 3.81 -19.33 -19.03
N ILE A 48 3.31 -18.09 -19.02
CA ILE A 48 1.85 -17.79 -18.90
C ILE A 48 1.09 -18.48 -20.04
N GLU A 49 1.61 -18.52 -21.27
CA GLU A 49 0.91 -19.19 -22.40
C GLU A 49 0.81 -20.70 -22.13
N SER A 50 1.80 -21.30 -21.46
CA SER A 50 1.80 -22.74 -21.10
C SER A 50 0.86 -22.98 -19.90
N THR A 51 0.82 -22.07 -18.94
CA THR A 51 -0.18 -22.12 -17.84
C THR A 51 -1.59 -22.15 -18.47
N TRP A 52 -1.84 -21.25 -19.41
CA TRP A 52 -3.14 -21.07 -20.09
C TRP A 52 -3.54 -22.38 -20.79
N LYS A 53 -2.62 -22.96 -21.59
CA LYS A 53 -2.87 -24.27 -22.26
C LYS A 53 -3.16 -25.36 -21.22
N GLY A 54 -2.43 -25.36 -20.10
CA GLY A 54 -2.62 -26.33 -19.01
C GLY A 54 -4.00 -26.21 -18.39
N LEU A 55 -4.44 -24.98 -18.12
CA LEU A 55 -5.78 -24.70 -17.54
C LEU A 55 -6.84 -25.24 -18.51
N LEU A 56 -6.70 -24.94 -19.80
CA LEU A 56 -7.71 -25.35 -20.83
C LEU A 56 -7.74 -26.88 -20.93
N ALA A 57 -6.64 -27.57 -20.62
CA ALA A 57 -6.53 -29.05 -20.63
C ALA A 57 -7.04 -29.68 -19.33
N GLY A 58 -7.51 -28.85 -18.37
CA GLY A 58 -8.06 -29.32 -17.09
C GLY A 58 -6.97 -29.69 -16.09
N GLU A 59 -5.76 -29.15 -16.25
CA GLU A 59 -4.62 -29.43 -15.34
C GLU A 59 -4.79 -28.65 -14.03
N SER A 60 -4.28 -29.22 -12.94
CA SER A 60 -4.18 -28.60 -11.59
C SER A 60 -2.70 -28.44 -11.23
N GLY A 61 -2.36 -27.34 -10.57
CA GLY A 61 -1.01 -27.10 -10.04
C GLY A 61 -0.84 -27.59 -8.61
N ILE A 62 -1.89 -28.16 -8.01
CA ILE A 62 -1.91 -28.50 -6.55
C ILE A 62 -1.41 -29.94 -6.37
N HIS A 63 -0.48 -30.14 -5.43
CA HIS A 63 0.20 -31.43 -5.18
C HIS A 63 0.33 -31.64 -3.66
N ALA A 64 0.71 -32.85 -3.25
CA ALA A 64 1.20 -33.14 -1.89
C ALA A 64 2.49 -32.35 -1.67
N LEU A 65 2.59 -31.62 -0.56
CA LEU A 65 3.83 -30.88 -0.19
C LEU A 65 4.87 -31.91 0.25
N GLU A 66 6.05 -31.90 -0.40
CA GLU A 66 7.16 -32.86 -0.14
C GLU A 66 8.23 -32.20 0.74
N ASP A 67 8.00 -30.96 1.18
CA ASP A 67 8.95 -30.18 2.01
C ASP A 67 9.14 -30.86 3.36
N GLU A 68 10.37 -30.88 3.87
CA GLU A 68 10.74 -31.45 5.20
C GLU A 68 9.89 -30.81 6.30
N PHE A 69 9.55 -29.53 6.18
CA PHE A 69 8.89 -28.72 7.24
C PHE A 69 7.48 -29.28 7.53
N VAL A 70 6.86 -29.98 6.58
CA VAL A 70 5.48 -30.54 6.73
C VAL A 70 5.50 -31.62 7.81
N THR A 71 6.46 -32.55 7.72
CA THR A 71 6.63 -33.69 8.66
C THR A 71 7.24 -33.18 9.98
N LYS A 72 8.17 -32.23 9.90
CA LYS A 72 8.86 -31.62 11.07
C LYS A 72 7.82 -31.04 12.04
N TRP A 73 6.81 -30.32 11.51
CA TRP A 73 5.80 -29.57 12.30
C TRP A 73 4.46 -30.32 12.35
N ASP A 74 4.32 -31.41 11.58
CA ASP A 74 3.05 -32.18 11.43
C ASP A 74 1.90 -31.18 11.19
N LEU A 75 2.01 -30.39 10.12
CA LEU A 75 1.04 -29.31 9.78
C LEU A 75 -0.31 -29.93 9.42
N ALA A 76 -1.40 -29.23 9.74
CA ALA A 76 -2.80 -29.64 9.44
C ALA A 76 -3.03 -29.62 7.93
N VAL A 77 -2.32 -28.74 7.21
CA VAL A 77 -2.37 -28.61 5.72
C VAL A 77 -1.08 -29.21 5.14
N LYS A 78 -1.21 -30.18 4.24
CA LYS A 78 -0.08 -30.94 3.65
C LYS A 78 -0.16 -30.88 2.11
N ILE A 79 -0.89 -29.88 1.58
CA ILE A 79 -1.15 -29.73 0.12
C ILE A 79 -0.89 -28.28 -0.28
N GLY A 80 -0.61 -28.06 -1.56
CA GLY A 80 -0.40 -26.72 -2.14
C GLY A 80 0.30 -26.80 -3.48
N GLY A 81 0.39 -25.68 -4.18
CA GLY A 81 1.11 -25.56 -5.46
C GLY A 81 2.34 -24.69 -5.31
N HIS A 82 3.52 -25.29 -5.15
CA HIS A 82 4.81 -24.58 -5.34
C HIS A 82 4.92 -24.19 -6.82
N LEU A 83 5.62 -23.11 -7.13
CA LEU A 83 5.93 -22.74 -8.53
C LEU A 83 6.55 -23.95 -9.23
N LYS A 84 6.15 -24.19 -10.48
N LYS A 84 6.17 -24.19 -10.49
CA LYS A 84 6.74 -25.24 -11.36
CA LYS A 84 6.75 -25.25 -11.35
C LYS A 84 8.24 -24.97 -11.52
C LYS A 84 8.25 -24.97 -11.51
N ASP A 85 8.62 -23.70 -11.69
CA ASP A 85 10.02 -23.25 -11.84
C ASP A 85 10.34 -22.28 -10.72
N PRO A 86 11.08 -22.69 -9.66
CA PRO A 86 11.35 -21.81 -8.53
C PRO A 86 12.10 -20.53 -8.95
N VAL A 87 11.71 -19.39 -8.38
CA VAL A 87 12.29 -18.06 -8.67
C VAL A 87 13.82 -18.13 -8.51
N ASP A 88 14.30 -18.75 -7.42
CA ASP A 88 15.72 -18.67 -7.01
C ASP A 88 16.60 -19.57 -7.90
N SER A 89 16.01 -20.40 -8.75
CA SER A 89 16.76 -21.13 -9.82
C SER A 89 17.26 -20.15 -10.88
N HIS A 90 16.73 -18.91 -10.91
CA HIS A 90 17.12 -17.84 -11.87
C HIS A 90 17.90 -16.72 -11.17
N MET A 91 18.30 -16.92 -9.91
CA MET A 91 18.93 -15.88 -9.07
C MET A 91 20.38 -16.24 -8.75
N GLY A 92 21.32 -15.37 -9.16
CA GLY A 92 22.75 -15.47 -8.84
C GLY A 92 23.02 -15.07 -7.41
N ARG A 93 24.26 -15.20 -6.95
CA ARG A 93 24.64 -15.00 -5.54
C ARG A 93 24.39 -13.54 -5.12
N LEU A 94 24.66 -12.57 -5.98
CA LEU A 94 24.46 -11.12 -5.64
C LEU A 94 22.99 -10.88 -5.34
N ASP A 95 22.08 -11.38 -6.19
CA ASP A 95 20.62 -11.15 -6.06
C ASP A 95 20.10 -11.85 -4.80
N MET A 96 20.66 -13.01 -4.45
CA MET A 96 20.27 -13.77 -3.23
C MET A 96 20.65 -13.00 -1.96
N ARG A 97 21.66 -12.11 -2.04
N ARG A 97 21.68 -12.13 -2.04
CA ARG A 97 22.20 -11.37 -0.88
CA ARG A 97 22.20 -11.35 -0.88
C ARG A 97 21.56 -9.98 -0.75
C ARG A 97 21.44 -10.03 -0.74
N ARG A 98 21.11 -9.36 -1.85
CA ARG A 98 20.68 -7.93 -1.84
C ARG A 98 19.17 -7.75 -1.99
N MET A 99 18.39 -8.83 -2.12
CA MET A 99 16.92 -8.74 -2.34
C MET A 99 16.20 -9.73 -1.44
N SER A 100 15.01 -9.35 -0.97
CA SER A 100 14.01 -10.25 -0.35
C SER A 100 13.41 -11.13 -1.45
N TYR A 101 12.68 -12.18 -1.08
CA TYR A 101 12.07 -13.12 -2.06
C TYR A 101 11.15 -12.37 -3.03
N VAL A 102 10.25 -11.53 -2.51
CA VAL A 102 9.25 -10.82 -3.37
C VAL A 102 9.98 -9.84 -4.30
N GLN A 103 11.12 -9.28 -3.88
CA GLN A 103 11.96 -8.44 -4.76
C GLN A 103 12.57 -9.30 -5.88
N ARG A 104 13.06 -10.49 -5.56
CA ARG A 104 13.65 -11.42 -6.56
C ARG A 104 12.58 -11.83 -7.57
N MET A 105 11.38 -12.18 -7.10
CA MET A 105 10.24 -12.52 -8.00
C MET A 105 9.91 -11.31 -8.88
N GLY A 106 9.83 -10.12 -8.29
CA GLY A 106 9.53 -8.87 -9.00
C GLY A 106 10.52 -8.59 -10.13
N LYS A 107 11.82 -8.71 -9.83
N LYS A 107 11.81 -8.74 -9.85
CA LYS A 107 12.90 -8.46 -10.84
CA LYS A 107 12.86 -8.44 -10.86
C LYS A 107 12.77 -9.48 -11.97
C LYS A 107 12.81 -9.49 -11.98
N LEU A 108 12.59 -10.76 -11.63
CA LEU A 108 12.48 -11.85 -12.63
C LEU A 108 11.32 -11.54 -13.58
N LEU A 109 10.13 -11.27 -13.04
CA LEU A 109 8.92 -11.01 -13.85
C LEU A 109 9.05 -9.68 -14.61
N GLY A 110 9.65 -8.66 -13.99
CA GLY A 110 9.86 -7.35 -14.63
C GLY A 110 10.66 -7.48 -15.92
N GLY A 111 11.77 -8.24 -15.88
CA GLY A 111 12.63 -8.47 -17.06
C GLY A 111 11.91 -9.27 -18.12
N GLN A 112 11.19 -10.31 -17.72
CA GLN A 112 10.41 -11.18 -18.64
C GLN A 112 9.36 -10.34 -19.36
N LEU A 113 8.65 -9.48 -18.62
CA LEU A 113 7.56 -8.66 -19.19
C LEU A 113 8.14 -7.70 -20.22
N TRP A 114 9.24 -7.02 -19.87
CA TRP A 114 9.84 -5.99 -20.75
C TRP A 114 10.31 -6.65 -22.05
N GLU A 115 10.91 -7.83 -21.97
CA GLU A 115 11.36 -8.59 -23.17
C GLU A 115 10.13 -8.97 -24.02
N SER A 116 9.04 -9.42 -23.39
CA SER A 116 7.79 -9.82 -24.08
C SER A 116 7.18 -8.61 -24.82
N ALA A 117 7.37 -7.40 -24.29
CA ALA A 117 6.84 -6.12 -24.82
C ALA A 117 7.73 -5.59 -25.95
N GLY A 118 8.83 -6.28 -26.26
CA GLY A 118 9.80 -5.88 -27.30
C GLY A 118 10.82 -4.87 -26.77
N SER A 119 11.06 -4.87 -25.45
CA SER A 119 12.04 -3.98 -24.78
C SER A 119 11.86 -2.54 -25.27
N PRO A 120 10.66 -1.94 -25.11
CA PRO A 120 10.39 -0.62 -25.67
C PRO A 120 11.21 0.47 -24.98
N GLU A 121 11.59 1.50 -25.74
CA GLU A 121 12.19 2.76 -25.21
C GLU A 121 11.04 3.74 -24.96
N VAL A 122 10.62 3.86 -23.71
CA VAL A 122 9.51 4.77 -23.29
C VAL A 122 10.11 5.99 -22.59
N ASP A 123 9.30 7.04 -22.44
CA ASP A 123 9.64 8.24 -21.65
C ASP A 123 9.59 7.84 -20.18
N PRO A 124 10.75 7.79 -19.46
CA PRO A 124 10.74 7.42 -18.05
C PRO A 124 9.81 8.32 -17.21
N ASP A 125 9.65 9.58 -17.59
CA ASP A 125 8.84 10.58 -16.83
C ASP A 125 7.35 10.36 -17.11
N ARG A 126 6.98 9.41 -17.97
CA ARG A 126 5.56 9.06 -18.27
C ARG A 126 5.32 7.58 -17.98
N PHE A 127 6.23 6.94 -17.24
CA PHE A 127 6.26 5.47 -16.99
C PHE A 127 6.14 5.24 -15.48
N ALA A 128 5.08 4.54 -15.06
CA ALA A 128 4.76 4.25 -13.65
C ALA A 128 4.86 2.75 -13.38
N VAL A 129 5.11 2.38 -12.13
CA VAL A 129 5.04 0.97 -11.65
C VAL A 129 4.06 0.93 -10.48
N VAL A 130 3.09 0.02 -10.53
CA VAL A 130 2.19 -0.25 -9.37
C VAL A 130 2.17 -1.76 -9.15
N VAL A 131 2.76 -2.23 -8.06
CA VAL A 131 2.85 -3.69 -7.78
C VAL A 131 2.42 -3.90 -6.33
N GLY A 132 1.34 -4.67 -6.16
CA GLY A 132 0.80 -5.05 -4.84
C GLY A 132 1.53 -6.24 -4.27
N THR A 133 1.48 -6.41 -2.97
CA THR A 133 1.97 -7.62 -2.27
C THR A 133 1.25 -7.70 -0.92
N GLY A 134 1.11 -8.90 -0.37
CA GLY A 134 0.40 -9.10 0.90
C GLY A 134 1.16 -8.56 2.09
N LEU A 135 2.50 -8.69 2.08
CA LEU A 135 3.30 -8.50 3.32
C LEU A 135 4.62 -7.78 3.03
N GLY A 136 5.46 -8.34 2.16
CA GLY A 136 6.78 -7.76 1.80
C GLY A 136 7.92 -8.71 2.11
N GLY A 137 9.10 -8.16 2.43
CA GLY A 137 10.33 -8.94 2.67
C GLY A 137 10.39 -9.48 4.09
N ALA A 138 9.32 -10.11 4.56
CA ALA A 138 9.12 -10.47 5.97
C ALA A 138 10.21 -11.45 6.45
N GLU A 139 10.74 -12.30 5.57
CA GLU A 139 11.75 -13.31 5.97
C GLU A 139 13.02 -12.59 6.41
N ARG A 140 13.27 -11.38 5.90
CA ARG A 140 14.47 -10.58 6.27
C ARG A 140 14.26 -9.92 7.65
N ILE A 141 13.01 -9.73 8.10
CA ILE A 141 12.73 -9.28 9.49
C ILE A 141 13.19 -10.38 10.44
N VAL A 142 12.77 -11.62 10.23
N VAL A 142 12.72 -11.60 10.22
CA VAL A 142 13.09 -12.74 11.15
CA VAL A 142 13.05 -12.81 11.02
C VAL A 142 14.59 -13.09 11.05
C VAL A 142 14.57 -12.99 11.03
N GLU A 143 15.20 -12.97 9.86
CA GLU A 143 16.67 -13.15 9.71
C GLU A 143 17.41 -12.10 10.54
N SER A 144 17.04 -10.81 10.39
CA SER A 144 17.69 -9.68 11.09
C SER A 144 17.53 -9.84 12.61
N TYR A 145 16.34 -10.24 13.05
CA TYR A 145 16.00 -10.53 14.48
C TYR A 145 16.94 -11.63 15.01
N ASP A 146 17.07 -12.74 14.29
CA ASP A 146 17.93 -13.88 14.69
C ASP A 146 19.40 -13.44 14.73
N LEU A 147 19.85 -12.70 13.73
CA LEU A 147 21.26 -12.24 13.64
C LEU A 147 21.58 -11.33 14.83
N MET A 148 20.68 -10.42 15.17
CA MET A 148 20.89 -9.45 16.28
C MET A 148 20.89 -10.20 17.62
N ASN A 149 19.97 -11.14 17.81
CA ASN A 149 19.88 -11.91 19.08
C ASN A 149 21.17 -12.71 19.28
N ALA A 150 21.80 -13.19 18.19
CA ALA A 150 23.00 -14.05 18.22
C ALA A 150 24.28 -13.21 18.38
N GLY A 151 24.37 -12.06 17.69
CA GLY A 151 25.64 -11.33 17.53
C GLY A 151 25.57 -9.84 17.78
N GLY A 152 24.40 -9.30 18.16
CA GLY A 152 24.21 -7.88 18.49
C GLY A 152 23.85 -7.03 17.27
N PRO A 153 23.65 -5.71 17.46
CA PRO A 153 23.06 -4.85 16.42
C PRO A 153 23.90 -4.67 15.15
N ARG A 154 25.23 -4.86 15.22
CA ARG A 154 26.13 -4.65 14.06
C ARG A 154 26.10 -5.88 13.13
N LYS A 155 25.33 -6.92 13.46
CA LYS A 155 25.12 -8.11 12.60
C LYS A 155 23.89 -7.89 11.69
N VAL A 156 23.14 -6.80 11.90
CA VAL A 156 22.02 -6.41 10.99
C VAL A 156 22.66 -5.76 9.76
N SER A 157 22.24 -6.20 8.57
CA SER A 157 22.82 -5.73 7.29
C SER A 157 22.44 -4.29 7.02
N PRO A 158 23.34 -3.45 6.47
CA PRO A 158 22.95 -2.17 5.89
C PRO A 158 21.85 -2.29 4.81
N LEU A 159 21.66 -3.49 4.25
CA LEU A 159 20.63 -3.74 3.19
C LEU A 159 19.29 -4.16 3.79
N ALA A 160 19.19 -4.34 5.11
CA ALA A 160 17.97 -4.91 5.74
C ALA A 160 16.75 -4.04 5.43
N VAL A 161 16.83 -2.73 5.68
CA VAL A 161 15.62 -1.87 5.53
C VAL A 161 15.07 -1.98 4.11
N GLN A 162 15.94 -1.87 3.09
N GLN A 162 15.93 -1.87 3.08
CA GLN A 162 15.53 -1.79 1.67
CA GLN A 162 15.49 -1.78 1.67
C GLN A 162 14.98 -3.15 1.19
C GLN A 162 15.02 -3.15 1.15
N MET A 163 15.34 -4.26 1.85
CA MET A 163 14.82 -5.61 1.51
C MET A 163 13.50 -5.86 2.26
N ILE A 164 13.37 -5.35 3.48
CA ILE A 164 12.19 -5.59 4.36
C ILE A 164 10.99 -4.76 3.87
N MET A 165 11.23 -3.49 3.55
CA MET A 165 10.15 -2.50 3.33
C MET A 165 9.18 -3.05 2.28
N PRO A 166 7.85 -3.09 2.54
CA PRO A 166 6.90 -3.72 1.63
C PRO A 166 6.81 -3.07 0.23
N ASN A 167 7.25 -1.82 0.09
CA ASN A 167 7.39 -1.12 -1.21
C ASN A 167 8.60 -1.64 -1.99
N GLY A 168 9.38 -2.57 -1.41
CA GLY A 168 10.66 -3.05 -1.96
C GLY A 168 10.55 -3.65 -3.36
N ALA A 169 9.55 -4.50 -3.61
CA ALA A 169 9.41 -5.18 -4.93
C ALA A 169 9.09 -4.14 -6.01
N ALA A 170 8.14 -3.24 -5.77
CA ALA A 170 7.78 -2.17 -6.72
C ALA A 170 9.03 -1.31 -6.99
N ALA A 171 9.75 -0.94 -5.93
CA ALA A 171 10.99 -0.12 -6.03
C ALA A 171 12.01 -0.83 -6.92
N VAL A 172 12.24 -2.12 -6.72
CA VAL A 172 13.21 -2.92 -7.53
C VAL A 172 12.80 -2.89 -9.00
N ILE A 173 11.51 -3.09 -9.29
CA ILE A 173 11.01 -3.09 -10.71
C ILE A 173 11.14 -1.66 -11.28
N GLY A 174 10.78 -0.63 -10.52
CA GLY A 174 10.92 0.77 -10.94
C GLY A 174 12.36 1.09 -11.32
N LEU A 175 13.31 0.65 -10.50
CA LEU A 175 14.76 0.90 -10.70
C LEU A 175 15.24 0.11 -11.92
N GLN A 176 14.80 -1.15 -12.04
CA GLN A 176 15.16 -2.07 -13.14
C GLN A 176 14.76 -1.46 -14.48
N LEU A 177 13.53 -0.95 -14.59
CA LEU A 177 12.93 -0.57 -15.90
C LEU A 177 13.01 0.94 -16.14
N GLY A 178 13.30 1.74 -15.11
CA GLY A 178 13.46 3.21 -15.21
C GLY A 178 12.13 3.95 -15.19
N ALA A 179 11.24 3.59 -14.27
CA ALA A 179 9.90 4.23 -14.10
C ALA A 179 10.02 5.44 -13.16
N ARG A 180 9.75 6.64 -13.68
CA ARG A 180 9.94 7.91 -12.93
C ARG A 180 8.61 8.67 -12.79
N ALA A 181 7.48 8.07 -13.17
CA ALA A 181 6.14 8.68 -13.03
C ALA A 181 5.37 8.06 -11.85
N GLY A 182 6.08 7.52 -10.86
CA GLY A 182 5.47 6.96 -9.64
C GLY A 182 5.73 5.47 -9.53
N VAL A 183 6.07 5.01 -8.33
CA VAL A 183 6.25 3.58 -7.99
C VAL A 183 5.42 3.35 -6.73
N MET A 184 4.31 2.65 -6.88
CA MET A 184 3.29 2.54 -5.82
C MET A 184 3.04 1.07 -5.47
N THR A 185 2.75 0.85 -4.19
CA THR A 185 2.48 -0.49 -3.62
C THR A 185 1.20 -0.39 -2.78
N PRO A 186 0.04 -0.77 -3.33
CA PRO A 186 -1.16 -0.91 -2.51
C PRO A 186 -1.11 -2.26 -1.78
N VAL A 187 -1.49 -2.28 -0.51
N VAL A 187 -1.50 -2.25 -0.51
CA VAL A 187 -1.60 -3.54 0.29
CA VAL A 187 -1.62 -3.50 0.32
C VAL A 187 -3.04 -3.68 0.76
C VAL A 187 -3.09 -3.64 0.72
N SER A 188 -3.72 -4.74 0.32
CA SER A 188 -5.11 -5.09 0.69
C SER A 188 -5.23 -6.61 0.70
N ALA A 189 -4.24 -7.30 1.28
CA ALA A 189 -4.22 -8.77 1.41
C ALA A 189 -4.55 -9.39 0.04
N CYS A 190 -5.61 -10.21 -0.06
CA CYS A 190 -5.88 -11.04 -1.25
C CYS A 190 -6.30 -10.20 -2.47
N SER A 191 -6.58 -8.89 -2.30
CA SER A 191 -6.97 -8.01 -3.43
C SER A 191 -5.81 -7.10 -3.87
N SER A 192 -4.63 -7.22 -3.28
CA SER A 192 -3.47 -6.33 -3.57
C SER A 192 -3.16 -6.28 -5.07
N GLY A 193 -3.12 -7.43 -5.73
CA GLY A 193 -2.67 -7.54 -7.14
C GLY A 193 -3.64 -6.87 -8.09
N SER A 194 -4.94 -6.99 -7.82
CA SER A 194 -6.02 -6.30 -8.59
C SER A 194 -6.00 -4.81 -8.26
N GLU A 195 -5.83 -4.45 -6.99
CA GLU A 195 -5.83 -3.02 -6.58
C GLU A 195 -4.68 -2.30 -7.30
N ALA A 196 -3.53 -2.96 -7.46
CA ALA A 196 -2.35 -2.41 -8.17
C ALA A 196 -2.76 -2.04 -9.60
N ILE A 197 -3.47 -2.94 -10.28
CA ILE A 197 -3.92 -2.68 -11.68
C ILE A 197 -4.91 -1.51 -11.67
N ALA A 198 -5.80 -1.45 -10.68
CA ALA A 198 -6.78 -0.35 -10.53
C ALA A 198 -6.05 1.00 -10.42
N HIS A 199 -5.02 1.08 -9.59
CA HIS A 199 -4.29 2.36 -9.33
C HIS A 199 -3.44 2.72 -10.55
N ALA A 200 -2.91 1.73 -11.27
CA ALA A 200 -2.14 1.96 -12.51
C ALA A 200 -3.08 2.57 -13.55
N TRP A 201 -4.28 2.02 -13.71
CA TRP A 201 -5.32 2.57 -14.61
C TRP A 201 -5.62 4.01 -14.21
N ARG A 202 -5.79 4.29 -12.92
CA ARG A 202 -6.07 5.65 -12.38
C ARG A 202 -4.93 6.59 -12.77
N GLN A 203 -3.68 6.16 -12.57
CA GLN A 203 -2.45 6.98 -12.82
C GLN A 203 -2.44 7.41 -14.30
N ILE A 204 -2.91 6.55 -15.21
CA ILE A 204 -2.92 6.85 -16.67
C ILE A 204 -4.11 7.77 -16.99
N VAL A 205 -5.33 7.43 -16.56
CA VAL A 205 -6.55 8.20 -16.95
C VAL A 205 -6.52 9.60 -16.31
N MET A 206 -5.81 9.79 -15.20
CA MET A 206 -5.65 11.13 -14.54
C MET A 206 -4.50 11.91 -15.20
N GLY A 207 -3.74 11.28 -16.08
CA GLY A 207 -2.73 11.95 -16.94
C GLY A 207 -1.34 12.00 -16.32
N ASP A 208 -1.07 11.20 -15.28
CA ASP A 208 0.25 11.18 -14.59
C ASP A 208 1.23 10.30 -15.35
N ALA A 209 0.74 9.35 -16.15
CA ALA A 209 1.56 8.37 -16.90
C ALA A 209 0.86 7.99 -18.19
N ASP A 210 1.61 7.52 -19.18
CA ASP A 210 1.09 6.99 -20.46
C ASP A 210 1.26 5.47 -20.52
N VAL A 211 2.10 4.90 -19.64
CA VAL A 211 2.47 3.47 -19.65
C VAL A 211 2.75 3.05 -18.20
N ALA A 212 2.34 1.85 -17.82
CA ALA A 212 2.54 1.35 -16.44
C ALA A 212 2.74 -0.17 -16.46
N VAL A 213 3.73 -0.62 -15.70
CA VAL A 213 3.89 -2.05 -15.30
C VAL A 213 3.10 -2.23 -14.01
N CYS A 214 2.20 -3.19 -13.97
CA CYS A 214 1.36 -3.39 -12.76
C CYS A 214 1.06 -4.86 -12.53
N GLY A 215 0.78 -5.20 -11.28
CA GLY A 215 0.36 -6.55 -10.90
C GLY A 215 0.69 -6.82 -9.46
N GLY A 216 1.11 -8.06 -9.17
CA GLY A 216 1.28 -8.52 -7.79
C GLY A 216 2.31 -9.62 -7.67
N VAL A 217 3.03 -9.61 -6.55
CA VAL A 217 4.01 -10.67 -6.19
C VAL A 217 3.68 -11.14 -4.78
N GLU A 218 4.13 -12.34 -4.44
CA GLU A 218 3.84 -12.94 -3.13
C GLU A 218 4.91 -13.97 -2.79
N GLY A 219 5.12 -14.15 -1.48
CA GLY A 219 6.11 -15.11 -0.96
C GLY A 219 5.68 -16.55 -1.18
N PRO A 220 6.59 -17.50 -0.89
CA PRO A 220 6.34 -18.92 -1.09
C PRO A 220 5.58 -19.59 0.06
N ILE A 221 5.11 -20.82 -0.18
CA ILE A 221 4.51 -21.70 0.86
C ILE A 221 5.64 -22.17 1.77
N GLU A 222 5.58 -21.79 3.06
N GLU A 222 5.59 -21.77 3.06
CA GLU A 222 6.54 -22.22 4.10
CA GLU A 222 6.55 -22.17 4.11
C GLU A 222 5.75 -22.53 5.37
C GLU A 222 5.76 -22.55 5.37
N ALA A 223 6.42 -23.08 6.39
CA ALA A 223 5.79 -23.61 7.62
C ALA A 223 5.02 -22.50 8.36
N LEU A 224 5.61 -21.32 8.58
CA LEU A 224 4.97 -20.25 9.37
C LEU A 224 3.74 -19.71 8.63
N PRO A 225 3.82 -19.40 7.31
CA PRO A 225 2.62 -19.07 6.53
C PRO A 225 1.49 -20.10 6.66
N ILE A 226 1.81 -21.39 6.55
CA ILE A 226 0.77 -22.46 6.68
C ILE A 226 0.19 -22.39 8.10
N ALA A 227 1.04 -22.28 9.13
CA ALA A 227 0.59 -22.21 10.55
C ALA A 227 -0.39 -21.03 10.71
N ALA A 228 0.00 -19.83 10.26
CA ALA A 228 -0.79 -18.59 10.47
C ALA A 228 -2.15 -18.71 9.76
N PHE A 229 -2.16 -19.07 8.48
CA PHE A 229 -3.41 -19.15 7.67
C PHE A 229 -4.27 -20.33 8.14
N SER A 230 -3.66 -21.47 8.50
CA SER A 230 -4.44 -22.67 8.89
C SER A 230 -5.09 -22.45 10.27
N MET A 231 -4.46 -21.68 11.17
CA MET A 231 -5.03 -21.37 12.51
C MET A 231 -6.23 -20.40 12.37
N MET A 232 -6.36 -19.72 11.21
CA MET A 232 -7.57 -18.93 10.84
C MET A 232 -8.77 -19.82 10.52
N ARG A 233 -8.54 -21.12 10.30
N ARG A 233 -8.54 -21.13 10.29
CA ARG A 233 -9.57 -22.17 10.01
CA ARG A 233 -9.56 -22.17 10.01
C ARG A 233 -10.17 -21.96 8.61
C ARG A 233 -10.16 -21.97 8.62
N ALA A 234 -9.45 -21.28 7.71
CA ALA A 234 -9.93 -20.89 6.36
C ALA A 234 -9.46 -21.87 5.28
N MET A 235 -8.55 -22.79 5.59
CA MET A 235 -7.83 -23.62 4.58
C MET A 235 -8.43 -25.02 4.47
N SER A 236 -8.45 -25.58 3.26
CA SER A 236 -8.82 -27.00 2.99
C SER A 236 -7.85 -27.95 3.71
N THR A 237 -8.36 -29.05 4.25
CA THR A 237 -7.56 -30.15 4.86
C THR A 237 -7.80 -31.46 4.12
N ARG A 238 -8.20 -31.40 2.85
CA ARG A 238 -8.37 -32.61 1.99
C ARG A 238 -6.99 -33.06 1.48
N ASN A 239 -6.15 -33.53 2.40
CA ASN A 239 -4.71 -33.84 2.16
C ASN A 239 -4.56 -35.11 1.30
N ASP A 240 -5.54 -36.01 1.35
CA ASP A 240 -5.46 -37.33 0.66
C ASP A 240 -5.70 -37.17 -0.85
N GLU A 241 -6.34 -36.08 -1.28
CA GLU A 241 -6.68 -35.80 -2.71
C GLU A 241 -6.35 -34.35 -3.04
N PRO A 242 -5.06 -33.98 -3.15
CA PRO A 242 -4.66 -32.58 -3.30
C PRO A 242 -5.36 -31.85 -4.46
N GLU A 243 -5.42 -32.49 -5.63
CA GLU A 243 -5.98 -31.90 -6.88
CA GLU A 243 -5.99 -31.92 -6.88
C GLU A 243 -7.50 -31.69 -6.73
N ARG A 244 -8.14 -32.39 -5.79
CA ARG A 244 -9.62 -32.30 -5.58
C ARG A 244 -9.96 -31.33 -4.43
N ALA A 245 -8.96 -30.71 -3.79
CA ALA A 245 -9.16 -29.98 -2.52
C ALA A 245 -9.84 -28.64 -2.75
N SER A 246 -9.45 -27.90 -3.79
CA SER A 246 -9.95 -26.53 -4.08
C SER A 246 -11.24 -26.63 -4.90
N ARG A 247 -12.41 -26.39 -4.29
CA ARG A 247 -13.73 -26.68 -4.91
C ARG A 247 -14.64 -25.45 -4.87
N PRO A 248 -14.27 -24.32 -5.52
CA PRO A 248 -15.11 -23.13 -5.48
C PRO A 248 -16.54 -23.39 -6.01
N PHE A 249 -17.54 -22.96 -5.24
CA PHE A 249 -18.99 -23.00 -5.57
C PHE A 249 -19.52 -24.44 -5.46
N ASP A 250 -18.69 -25.39 -5.02
CA ASP A 250 -19.08 -26.82 -4.85
C ASP A 250 -19.66 -27.03 -3.46
N LYS A 251 -20.60 -27.98 -3.32
CA LYS A 251 -21.27 -28.31 -2.04
C LYS A 251 -20.24 -28.76 -1.00
N ASP A 252 -19.16 -29.43 -1.43
CA ASP A 252 -18.20 -30.14 -0.55
C ASP A 252 -16.93 -29.29 -0.33
N ARG A 253 -16.95 -28.01 -0.70
CA ARG A 253 -15.78 -27.10 -0.48
C ARG A 253 -15.52 -27.00 1.03
N ASP A 254 -14.25 -26.88 1.43
CA ASP A 254 -13.84 -26.83 2.85
C ASP A 254 -12.68 -25.83 3.03
N GLY A 255 -12.61 -24.79 2.21
CA GLY A 255 -11.62 -23.71 2.37
C GLY A 255 -10.63 -23.66 1.23
N PHE A 256 -9.65 -22.76 1.31
CA PHE A 256 -8.77 -22.43 0.17
C PHE A 256 -7.51 -23.30 0.24
N VAL A 257 -6.80 -23.33 -0.88
CA VAL A 257 -5.51 -24.06 -1.05
C VAL A 257 -4.47 -23.04 -1.54
N PHE A 258 -3.29 -23.03 -0.92
CA PHE A 258 -2.15 -22.19 -1.37
C PHE A 258 -1.70 -22.65 -2.76
N GLY A 259 -1.52 -21.70 -3.66
CA GLY A 259 -0.89 -21.91 -4.98
C GLY A 259 -0.03 -20.71 -5.31
N GLU A 260 1.30 -20.90 -5.30
CA GLU A 260 2.28 -19.81 -5.49
C GLU A 260 2.08 -19.16 -6.86
N ALA A 261 2.28 -17.85 -6.94
CA ALA A 261 2.20 -17.13 -8.22
C ALA A 261 2.83 -15.74 -8.08
N GLY A 262 3.22 -15.19 -9.22
CA GLY A 262 3.42 -13.76 -9.42
C GLY A 262 2.97 -13.41 -10.82
N ALA A 263 2.49 -12.20 -11.04
CA ALA A 263 1.96 -11.80 -12.36
C ALA A 263 2.10 -10.28 -12.54
N LEU A 264 2.54 -9.88 -13.74
CA LEU A 264 2.61 -8.47 -14.14
C LEU A 264 1.96 -8.31 -15.52
N MET A 265 1.40 -7.14 -15.78
CA MET A 265 0.96 -6.75 -17.14
C MET A 265 1.49 -5.37 -17.46
N LEU A 266 1.71 -5.12 -18.75
CA LEU A 266 2.04 -3.78 -19.29
C LEU A 266 0.73 -3.17 -19.80
N ILE A 267 0.36 -2.00 -19.28
CA ILE A 267 -0.79 -1.21 -19.77
C ILE A 267 -0.26 0.14 -20.27
N GLU A 268 -0.93 0.70 -21.26
CA GLU A 268 -0.57 2.00 -21.84
C GLU A 268 -1.78 2.56 -22.57
N THR A 269 -1.77 3.85 -22.87
CA THR A 269 -2.83 4.47 -23.70
C THR A 269 -2.81 3.80 -25.07
N GLU A 270 -3.97 3.69 -25.70
CA GLU A 270 -4.08 3.08 -27.06
C GLU A 270 -3.18 3.84 -28.02
N GLU A 271 -3.10 5.17 -27.89
CA GLU A 271 -2.26 6.04 -28.77
C GLU A 271 -0.78 5.69 -28.56
N HIS A 272 -0.36 5.45 -27.32
CA HIS A 272 1.04 5.09 -26.96
C HIS A 272 1.39 3.74 -27.58
N ALA A 273 0.47 2.78 -27.51
CA ALA A 273 0.63 1.42 -28.08
C ALA A 273 0.75 1.52 -29.60
N LYS A 274 -0.17 2.27 -30.23
CA LYS A 274 -0.21 2.45 -31.71
C LYS A 274 1.10 3.05 -32.19
N ALA A 275 1.63 4.05 -31.48
CA ALA A 275 2.84 4.81 -31.86
C ALA A 275 4.06 3.88 -31.96
N ARG A 276 4.14 2.86 -31.11
CA ARG A 276 5.30 1.92 -31.06
C ARG A 276 4.94 0.58 -31.72
N GLY A 277 3.74 0.46 -32.31
CA GLY A 277 3.29 -0.73 -33.05
C GLY A 277 3.10 -1.94 -32.17
N ALA A 278 2.66 -1.74 -30.92
CA ALA A 278 2.30 -2.81 -29.97
C ALA A 278 0.86 -3.27 -30.24
N LYS A 279 0.66 -4.59 -30.39
CA LYS A 279 -0.67 -5.22 -30.62
C LYS A 279 -1.33 -5.46 -29.27
N PRO A 280 -2.41 -4.73 -28.91
CA PRO A 280 -3.11 -4.96 -27.64
C PRO A 280 -3.70 -6.38 -27.51
N LEU A 281 -3.63 -6.94 -26.31
CA LEU A 281 -4.21 -8.25 -25.93
C LEU A 281 -5.65 -8.05 -25.44
N ALA A 282 -5.97 -6.86 -24.93
CA ALA A 282 -7.28 -6.51 -24.34
C ALA A 282 -7.32 -5.03 -23.99
N ARG A 283 -8.50 -4.54 -23.59
CA ARG A 283 -8.72 -3.16 -23.08
C ARG A 283 -8.98 -3.25 -21.57
N LEU A 284 -8.37 -2.36 -20.79
CA LEU A 284 -8.69 -2.16 -19.36
C LEU A 284 -9.59 -0.92 -19.26
N LEU A 285 -10.88 -1.11 -18.94
CA LEU A 285 -11.95 -0.10 -19.16
C LEU A 285 -12.30 0.66 -17.88
N GLY A 286 -12.14 0.04 -16.70
CA GLY A 286 -12.58 0.65 -15.44
C GLY A 286 -12.22 -0.19 -14.24
N ALA A 287 -12.27 0.41 -13.05
CA ALA A 287 -11.90 -0.23 -11.78
C ALA A 287 -12.82 0.31 -10.67
N GLY A 288 -13.32 -0.58 -9.82
CA GLY A 288 -14.14 -0.23 -8.65
C GLY A 288 -13.47 -0.71 -7.38
N ILE A 289 -13.32 0.17 -6.39
CA ILE A 289 -12.77 -0.17 -5.04
C ILE A 289 -13.79 0.27 -4.00
N THR A 290 -14.32 -0.68 -3.25
CA THR A 290 -15.23 -0.43 -2.11
C THR A 290 -14.72 -1.21 -0.89
N SER A 291 -15.42 -1.08 0.23
CA SER A 291 -15.06 -1.77 1.49
C SER A 291 -16.36 -2.17 2.22
N ASP A 292 -16.29 -3.24 3.00
CA ASP A 292 -17.47 -3.82 3.71
C ASP A 292 -17.75 -3.06 5.00
N ALA A 293 -16.70 -2.64 5.72
CA ALA A 293 -16.77 -2.15 7.13
C ALA A 293 -17.73 -3.04 7.93
N PHE A 294 -17.46 -4.35 7.98
N PHE A 294 -17.44 -4.34 7.97
CA PHE A 294 -18.26 -5.35 8.72
CA PHE A 294 -18.28 -5.35 8.67
C PHE A 294 -17.35 -6.31 9.48
C PHE A 294 -17.40 -6.33 9.45
N HIS A 295 -16.48 -7.02 8.76
N HIS A 295 -16.54 -7.08 8.76
CA HIS A 295 -15.68 -8.17 9.26
CA HIS A 295 -15.68 -8.13 9.37
C HIS A 295 -14.20 -7.97 8.90
C HIS A 295 -14.22 -7.96 8.93
N MET A 296 -13.29 -8.46 9.75
CA MET A 296 -11.83 -8.30 9.54
C MET A 296 -11.28 -9.39 8.60
N VAL A 297 -11.83 -10.61 8.58
CA VAL A 297 -11.22 -11.74 7.80
C VAL A 297 -12.25 -12.45 6.91
N ALA A 298 -13.53 -12.10 6.96
CA ALA A 298 -14.58 -12.72 6.12
C ALA A 298 -15.29 -11.62 5.34
N PRO A 299 -15.78 -11.93 4.12
CA PRO A 299 -16.60 -10.97 3.38
C PRO A 299 -18.01 -10.85 4.00
N ALA A 300 -18.65 -9.69 3.85
CA ALA A 300 -20.05 -9.46 4.28
C ALA A 300 -20.95 -10.45 3.54
N ALA A 301 -21.79 -11.18 4.28
CA ALA A 301 -22.66 -12.25 3.75
C ALA A 301 -23.56 -11.72 2.63
N ASP A 302 -24.02 -10.46 2.72
CA ASP A 302 -25.04 -9.89 1.81
C ASP A 302 -24.42 -9.56 0.44
N GLY A 303 -23.09 -9.47 0.36
CA GLY A 303 -22.35 -9.19 -0.89
C GLY A 303 -22.61 -7.81 -1.48
N VAL A 304 -23.20 -6.87 -0.72
CA VAL A 304 -23.71 -5.59 -1.30
C VAL A 304 -22.54 -4.68 -1.70
N ARG A 305 -21.59 -4.43 -0.80
CA ARG A 305 -20.42 -3.55 -1.12
C ARG A 305 -19.54 -4.21 -2.18
N ALA A 306 -19.36 -5.53 -2.13
CA ALA A 306 -18.62 -6.29 -3.16
C ALA A 306 -19.30 -6.09 -4.53
N GLY A 307 -20.64 -6.22 -4.57
CA GLY A 307 -21.44 -5.92 -5.77
C GLY A 307 -21.23 -4.49 -6.25
N ARG A 308 -21.14 -3.53 -5.33
CA ARG A 308 -20.97 -2.09 -5.67
C ARG A 308 -19.61 -1.86 -6.34
N ALA A 309 -18.56 -2.61 -5.95
CA ALA A 309 -17.24 -2.53 -6.61
C ALA A 309 -17.39 -2.94 -8.08
N MET A 310 -18.14 -4.00 -8.35
CA MET A 310 -18.43 -4.44 -9.75
C MET A 310 -19.19 -3.32 -10.46
N THR A 311 -20.24 -2.78 -9.83
CA THR A 311 -21.09 -1.70 -10.41
C THR A 311 -20.21 -0.48 -10.73
N ARG A 312 -19.32 -0.10 -9.81
CA ARG A 312 -18.45 1.09 -9.99
C ARG A 312 -17.54 0.87 -11.22
N SER A 313 -16.99 -0.33 -11.38
CA SER A 313 -16.12 -0.66 -12.54
C SER A 313 -16.92 -0.46 -13.83
N LEU A 314 -18.20 -0.83 -13.84
CA LEU A 314 -19.09 -0.69 -15.02
C LEU A 314 -19.39 0.79 -15.29
N GLU A 315 -19.64 1.58 -14.24
CA GLU A 315 -19.92 3.04 -14.35
C GLU A 315 -18.74 3.72 -15.07
N LEU A 316 -17.51 3.44 -14.62
CA LEU A 316 -16.29 4.08 -15.15
C LEU A 316 -16.00 3.56 -16.57
N ALA A 317 -16.31 2.30 -16.85
CA ALA A 317 -16.17 1.69 -18.20
C ALA A 317 -17.21 2.30 -19.15
N GLY A 318 -18.38 2.66 -18.62
CA GLY A 318 -19.55 3.07 -19.41
C GLY A 318 -20.29 1.86 -19.96
N LEU A 319 -20.34 0.77 -19.18
CA LEU A 319 -21.04 -0.49 -19.53
C LEU A 319 -22.27 -0.66 -18.64
N SER A 320 -23.24 -1.46 -19.10
CA SER A 320 -24.38 -1.96 -18.29
C SER A 320 -24.09 -3.39 -17.85
N PRO A 321 -24.70 -3.87 -16.74
CA PRO A 321 -24.53 -5.26 -16.31
C PRO A 321 -24.81 -6.29 -17.41
N ALA A 322 -25.78 -6.02 -18.29
CA ALA A 322 -26.17 -6.90 -19.42
C ALA A 322 -24.99 -7.11 -20.39
N ASP A 323 -24.03 -6.18 -20.43
CA ASP A 323 -22.86 -6.23 -21.34
C ASP A 323 -21.83 -7.26 -20.85
N ILE A 324 -21.88 -7.65 -19.56
CA ILE A 324 -20.83 -8.50 -18.93
C ILE A 324 -21.10 -9.96 -19.29
N ASP A 325 -20.23 -10.54 -20.12
CA ASP A 325 -20.34 -11.93 -20.63
C ASP A 325 -19.66 -12.92 -19.67
N HIS A 326 -18.70 -12.44 -18.88
CA HIS A 326 -17.80 -13.31 -18.09
C HIS A 326 -17.43 -12.62 -16.78
N VAL A 327 -17.46 -13.38 -15.68
CA VAL A 327 -16.89 -12.95 -14.37
C VAL A 327 -15.80 -13.95 -13.99
N ASN A 328 -14.58 -13.45 -13.78
CA ASN A 328 -13.47 -14.23 -13.19
C ASN A 328 -13.63 -14.06 -11.68
N ALA A 329 -14.26 -15.04 -11.01
CA ALA A 329 -14.64 -14.94 -9.58
C ALA A 329 -13.39 -14.87 -8.70
N HIS A 330 -13.51 -14.27 -7.52
CA HIS A 330 -12.53 -14.43 -6.42
C HIS A 330 -12.49 -15.92 -6.04
N GLY A 331 -13.67 -16.52 -5.85
CA GLY A 331 -13.87 -17.98 -5.74
C GLY A 331 -12.75 -18.68 -4.99
N THR A 332 -12.61 -18.41 -3.68
CA THR A 332 -11.54 -18.99 -2.82
C THR A 332 -11.91 -20.39 -2.34
N ALA A 333 -13.18 -20.77 -2.41
CA ALA A 333 -13.71 -22.10 -2.00
C ALA A 333 -13.86 -22.16 -0.47
N THR A 334 -13.89 -21.02 0.22
CA THR A 334 -14.45 -20.98 1.59
C THR A 334 -15.97 -21.04 1.48
N PRO A 335 -16.67 -21.68 2.42
CA PRO A 335 -18.13 -21.62 2.46
C PRO A 335 -18.66 -20.17 2.35
N ILE A 336 -18.23 -19.28 3.26
CA ILE A 336 -18.77 -17.89 3.31
C ILE A 336 -18.34 -17.12 2.06
N GLY A 337 -17.09 -17.29 1.62
CA GLY A 337 -16.54 -16.54 0.48
C GLY A 337 -17.39 -16.72 -0.76
N ASP A 338 -17.65 -17.97 -1.14
CA ASP A 338 -18.38 -18.28 -2.39
C ASP A 338 -19.84 -17.85 -2.25
N ALA A 339 -20.44 -18.01 -1.07
CA ALA A 339 -21.84 -17.59 -0.79
C ALA A 339 -21.95 -16.06 -0.93
N ALA A 340 -21.04 -15.31 -0.30
CA ALA A 340 -21.04 -13.84 -0.34
C ALA A 340 -20.85 -13.36 -1.79
N GLU A 341 -19.95 -13.99 -2.52
CA GLU A 341 -19.62 -13.56 -3.90
C GLU A 341 -20.82 -13.84 -4.82
N ALA A 342 -21.51 -14.96 -4.63
CA ALA A 342 -22.74 -15.25 -5.42
C ALA A 342 -23.75 -14.12 -5.20
N ASN A 343 -23.92 -13.66 -3.96
CA ASN A 343 -24.81 -12.50 -3.65
C ASN A 343 -24.29 -11.24 -4.35
N ALA A 344 -22.97 -10.97 -4.29
CA ALA A 344 -22.34 -9.78 -4.90
C ALA A 344 -22.62 -9.75 -6.42
N ILE A 345 -22.43 -10.88 -7.10
CA ILE A 345 -22.61 -10.98 -8.57
C ILE A 345 -24.08 -10.68 -8.91
N ARG A 346 -25.02 -11.19 -8.09
CA ARG A 346 -26.49 -10.96 -8.25
C ARG A 346 -26.80 -9.47 -8.02
N VAL A 347 -26.27 -8.88 -6.95
CA VAL A 347 -26.48 -7.44 -6.59
C VAL A 347 -26.05 -6.57 -7.78
N ALA A 348 -24.94 -6.92 -8.43
CA ALA A 348 -24.34 -6.17 -9.55
C ALA A 348 -25.07 -6.44 -10.88
N GLY A 349 -26.06 -7.35 -10.88
CA GLY A 349 -26.86 -7.67 -12.07
C GLY A 349 -26.10 -8.51 -13.09
N CYS A 350 -25.03 -9.20 -12.67
CA CYS A 350 -24.10 -9.96 -13.55
C CYS A 350 -24.27 -11.48 -13.42
N ASP A 351 -25.40 -11.93 -12.85
N ASP A 351 -25.38 -11.96 -12.84
CA ASP A 351 -25.66 -13.35 -12.49
CA ASP A 351 -25.55 -13.40 -12.51
C ASP A 351 -25.90 -14.20 -13.76
C ASP A 351 -25.94 -14.21 -13.75
N GLN A 352 -26.05 -13.58 -14.93
CA GLN A 352 -26.21 -14.29 -16.22
C GLN A 352 -24.85 -14.48 -16.90
N ALA A 353 -23.77 -13.93 -16.34
CA ALA A 353 -22.40 -14.06 -16.88
C ALA A 353 -21.88 -15.50 -16.67
N ALA A 354 -21.04 -15.96 -17.58
CA ALA A 354 -20.26 -17.22 -17.45
C ALA A 354 -19.18 -17.01 -16.39
N VAL A 355 -19.15 -17.85 -15.36
CA VAL A 355 -18.24 -17.66 -14.17
C VAL A 355 -17.10 -18.70 -14.23
N TYR A 356 -15.88 -18.23 -13.98
CA TYR A 356 -14.68 -19.08 -13.83
C TYR A 356 -14.05 -18.79 -12.46
N ALA A 357 -13.68 -19.84 -11.72
CA ALA A 357 -12.93 -19.75 -10.45
C ALA A 357 -11.56 -20.40 -10.62
N PRO A 358 -10.55 -19.65 -11.10
CA PRO A 358 -9.22 -20.23 -11.35
C PRO A 358 -8.50 -20.80 -10.12
N LYS A 359 -8.86 -20.38 -8.90
CA LYS A 359 -8.23 -20.94 -7.68
C LYS A 359 -8.53 -22.44 -7.59
N SER A 360 -9.54 -22.93 -8.31
CA SER A 360 -9.85 -24.38 -8.42
C SER A 360 -8.62 -25.15 -8.93
N ALA A 361 -7.78 -24.53 -9.78
CA ALA A 361 -6.65 -25.17 -10.48
C ALA A 361 -5.31 -24.60 -10.01
N LEU A 362 -5.24 -23.30 -9.72
CA LEU A 362 -3.95 -22.59 -9.44
C LEU A 362 -3.81 -22.28 -7.95
N GLY A 363 -4.88 -22.49 -7.18
CA GLY A 363 -4.91 -22.15 -5.75
C GLY A 363 -4.78 -20.65 -5.53
N HIS A 364 -4.47 -20.27 -4.29
CA HIS A 364 -4.53 -18.88 -3.79
C HIS A 364 -3.12 -18.35 -3.55
N SER A 365 -2.73 -17.27 -4.23
CA SER A 365 -1.41 -16.60 -4.12
C SER A 365 -1.53 -15.24 -3.43
N ILE A 366 -2.58 -15.05 -2.62
CA ILE A 366 -2.77 -13.86 -1.73
C ILE A 366 -2.49 -12.58 -2.53
N GLY A 367 -1.40 -11.85 -2.25
CA GLY A 367 -1.15 -10.53 -2.86
C GLY A 367 -0.96 -10.57 -4.37
N ALA A 368 -0.63 -11.73 -4.93
CA ALA A 368 -0.39 -11.89 -6.40
C ALA A 368 -1.69 -12.26 -7.12
N VAL A 369 -2.65 -12.87 -6.43
CA VAL A 369 -3.70 -13.66 -7.14
C VAL A 369 -4.59 -12.75 -8.00
N GLY A 370 -4.92 -11.55 -7.54
CA GLY A 370 -5.74 -10.59 -8.30
C GLY A 370 -5.09 -10.24 -9.63
N ALA A 371 -3.76 -10.10 -9.63
CA ALA A 371 -2.96 -9.81 -10.84
C ALA A 371 -2.97 -11.03 -11.77
N LEU A 372 -2.72 -12.22 -11.23
CA LEU A 372 -2.75 -13.48 -12.01
C LEU A 372 -4.13 -13.61 -12.68
N GLU A 373 -5.21 -13.39 -11.93
CA GLU A 373 -6.58 -13.61 -12.45
C GLU A 373 -6.94 -12.52 -13.46
N SER A 374 -6.38 -11.32 -13.32
CA SER A 374 -6.49 -10.23 -14.33
C SER A 374 -5.86 -10.68 -15.65
N VAL A 375 -4.69 -11.31 -15.60
CA VAL A 375 -3.99 -11.85 -16.81
C VAL A 375 -4.89 -12.93 -17.43
N LEU A 376 -5.46 -13.81 -16.62
CA LEU A 376 -6.34 -14.89 -17.14
C LEU A 376 -7.59 -14.28 -17.81
N THR A 377 -8.13 -13.20 -17.26
CA THR A 377 -9.33 -12.50 -17.81
C THR A 377 -8.95 -11.97 -19.20
N VAL A 378 -7.76 -11.39 -19.33
CA VAL A 378 -7.23 -10.86 -20.62
C VAL A 378 -7.18 -12.01 -21.63
N LEU A 379 -6.64 -13.17 -21.25
CA LEU A 379 -6.48 -14.32 -22.18
C LEU A 379 -7.86 -14.88 -22.57
N THR A 380 -8.80 -14.91 -21.63
CA THR A 380 -10.20 -15.33 -21.92
C THR A 380 -10.77 -14.46 -23.05
N LEU A 381 -10.61 -13.14 -22.93
CA LEU A 381 -11.14 -12.19 -23.94
C LEU A 381 -10.38 -12.34 -25.27
N ARG A 382 -9.05 -12.48 -25.22
CA ARG A 382 -8.21 -12.63 -26.45
C ARG A 382 -8.63 -13.90 -27.20
N ASP A 383 -8.80 -15.02 -26.49
CA ASP A 383 -8.92 -16.36 -27.13
C ASP A 383 -10.38 -16.83 -27.18
N GLY A 384 -11.33 -16.07 -26.61
CA GLY A 384 -12.77 -16.43 -26.65
C GLY A 384 -13.03 -17.79 -26.01
N VAL A 385 -12.38 -18.06 -24.87
CA VAL A 385 -12.51 -19.37 -24.18
C VAL A 385 -12.33 -19.18 -22.69
N ILE A 386 -13.15 -19.86 -21.90
CA ILE A 386 -13.06 -19.92 -20.41
C ILE A 386 -12.66 -21.35 -20.05
N PRO A 387 -11.57 -21.55 -19.26
CA PRO A 387 -11.23 -22.89 -18.80
C PRO A 387 -12.28 -23.47 -17.85
N PRO A 388 -12.31 -24.79 -17.65
CA PRO A 388 -13.25 -25.39 -16.70
C PRO A 388 -12.84 -25.07 -15.25
N THR A 389 -13.81 -24.69 -14.42
CA THR A 389 -13.64 -24.66 -12.95
C THR A 389 -13.49 -26.11 -12.48
N LEU A 390 -12.34 -26.47 -11.91
CA LEU A 390 -12.09 -27.86 -11.45
C LEU A 390 -12.96 -28.16 -10.23
N ASN A 391 -13.33 -29.45 -10.07
CA ASN A 391 -13.89 -30.02 -8.81
C ASN A 391 -15.34 -29.59 -8.59
N TYR A 392 -15.99 -29.01 -9.60
CA TYR A 392 -17.40 -28.52 -9.53
C TYR A 392 -18.32 -29.70 -9.86
N GLU A 393 -18.46 -30.63 -8.92
CA GLU A 393 -19.08 -31.97 -9.15
C GLU A 393 -20.47 -32.03 -8.50
N THR A 394 -20.68 -31.33 -7.40
CA THR A 394 -21.98 -31.18 -6.72
C THR A 394 -22.23 -29.70 -6.50
N PRO A 395 -22.73 -28.96 -7.50
CA PRO A 395 -23.01 -27.53 -7.33
C PRO A 395 -23.79 -27.28 -6.04
N ASP A 396 -23.34 -26.30 -5.26
CA ASP A 396 -24.01 -25.86 -4.00
C ASP A 396 -25.47 -25.55 -4.31
N PRO A 397 -26.45 -26.25 -3.69
CA PRO A 397 -27.86 -25.95 -3.92
C PRO A 397 -28.29 -24.50 -3.64
N GLU A 398 -27.57 -23.80 -2.77
N GLU A 398 -27.56 -23.79 -2.77
CA GLU A 398 -27.89 -22.41 -2.32
CA GLU A 398 -27.88 -22.42 -2.31
C GLU A 398 -27.18 -21.37 -3.19
C GLU A 398 -27.18 -21.37 -3.19
N ILE A 399 -26.43 -21.80 -4.21
CA ILE A 399 -25.74 -20.88 -5.17
C ILE A 399 -26.20 -21.24 -6.59
N ASP A 400 -26.73 -20.26 -7.33
CA ASP A 400 -27.20 -20.42 -8.73
C ASP A 400 -26.40 -19.48 -9.62
N LEU A 401 -25.18 -19.89 -9.98
CA LEU A 401 -24.32 -19.18 -10.96
C LEU A 401 -24.07 -20.11 -12.16
N ASP A 402 -23.77 -19.51 -13.31
CA ASP A 402 -23.37 -20.25 -14.53
C ASP A 402 -21.87 -20.51 -14.45
N VAL A 403 -21.47 -21.47 -13.61
CA VAL A 403 -20.04 -21.83 -13.40
C VAL A 403 -19.60 -22.73 -14.56
N VAL A 404 -18.63 -22.27 -15.36
CA VAL A 404 -18.04 -23.07 -16.46
C VAL A 404 -17.30 -24.26 -15.82
N ALA A 405 -17.61 -25.48 -16.26
CA ALA A 405 -16.99 -26.72 -15.73
C ALA A 405 -17.05 -27.83 -16.78
N GLY A 406 -16.26 -28.88 -16.55
CA GLY A 406 -16.15 -30.06 -17.42
C GLY A 406 -15.04 -29.85 -18.44
N GLU A 407 -15.35 -29.13 -19.53
CA GLU A 407 -14.37 -28.76 -20.57
C GLU A 407 -14.47 -27.25 -20.82
N PRO A 408 -13.46 -26.63 -21.46
CA PRO A 408 -13.49 -25.18 -21.69
C PRO A 408 -14.71 -24.79 -22.54
N ARG A 409 -15.26 -23.60 -22.28
CA ARG A 409 -16.41 -23.05 -23.05
C ARG A 409 -15.90 -21.99 -24.02
N TYR A 410 -15.99 -22.29 -25.32
CA TYR A 410 -15.71 -21.32 -26.42
C TYR A 410 -16.93 -20.42 -26.55
N GLY A 411 -16.74 -19.10 -26.45
CA GLY A 411 -17.85 -18.14 -26.49
C GLY A 411 -17.43 -16.74 -26.91
N ASP A 412 -18.42 -15.93 -27.30
CA ASP A 412 -18.21 -14.54 -27.80
C ASP A 412 -18.14 -13.59 -26.60
N TYR A 413 -17.06 -13.69 -25.81
CA TYR A 413 -16.84 -12.86 -24.60
C TYR A 413 -16.31 -11.49 -25.05
N ARG A 414 -17.14 -10.45 -24.92
CA ARG A 414 -16.81 -9.06 -25.33
C ARG A 414 -16.30 -8.28 -24.11
N TYR A 415 -16.94 -8.46 -22.95
CA TYR A 415 -16.64 -7.72 -21.71
C TYR A 415 -16.60 -8.71 -20.53
N ALA A 416 -15.67 -8.49 -19.61
CA ALA A 416 -15.50 -9.35 -18.41
C ALA A 416 -15.19 -8.49 -17.19
N VAL A 417 -15.57 -8.97 -16.01
CA VAL A 417 -15.17 -8.36 -14.70
C VAL A 417 -14.34 -9.41 -13.95
N ASN A 418 -13.17 -9.01 -13.48
CA ASN A 418 -12.32 -9.81 -12.57
C ASN A 418 -12.59 -9.32 -11.15
N ASN A 419 -13.05 -10.22 -10.27
CA ASN A 419 -13.32 -9.94 -8.84
C ASN A 419 -12.13 -10.36 -7.99
N SER A 420 -11.81 -9.53 -7.00
N SER A 420 -11.85 -9.60 -6.93
CA SER A 420 -10.78 -9.79 -5.95
CA SER A 420 -10.74 -9.87 -5.97
C SER A 420 -11.31 -9.19 -4.65
C SER A 420 -11.06 -9.19 -4.63
N PHE A 421 -11.29 -9.98 -3.57
CA PHE A 421 -11.66 -9.50 -2.21
C PHE A 421 -10.50 -9.82 -1.27
N GLY A 422 -10.27 -8.96 -0.28
CA GLY A 422 -9.12 -9.09 0.63
C GLY A 422 -9.54 -9.04 2.08
N PHE A 423 -8.86 -9.82 2.92
CA PHE A 423 -8.94 -9.70 4.40
C PHE A 423 -8.85 -8.21 4.77
N GLY A 424 -9.74 -7.74 5.65
CA GLY A 424 -9.89 -6.33 6.01
C GLY A 424 -11.11 -5.71 5.36
N GLY A 425 -11.85 -6.48 4.56
CA GLY A 425 -13.12 -6.09 3.92
C GLY A 425 -12.93 -5.32 2.62
N HIS A 426 -11.85 -5.57 1.88
CA HIS A 426 -11.50 -4.82 0.63
C HIS A 426 -12.14 -5.52 -0.56
N ASN A 427 -12.81 -4.76 -1.43
CA ASN A 427 -13.44 -5.27 -2.68
C ASN A 427 -12.84 -4.54 -3.88
N VAL A 428 -12.30 -5.28 -4.84
CA VAL A 428 -11.74 -4.69 -6.08
C VAL A 428 -12.34 -5.43 -7.27
N ALA A 429 -12.93 -4.69 -8.21
CA ALA A 429 -13.45 -5.20 -9.50
C ALA A 429 -12.77 -4.45 -10.64
N LEU A 430 -12.29 -5.19 -11.65
CA LEU A 430 -11.67 -4.64 -12.87
C LEU A 430 -12.52 -5.05 -14.07
N ALA A 431 -12.93 -4.08 -14.88
CA ALA A 431 -13.70 -4.28 -16.13
C ALA A 431 -12.72 -4.30 -17.31
N PHE A 432 -12.67 -5.41 -18.03
CA PHE A 432 -11.83 -5.59 -19.25
C PHE A 432 -12.74 -5.75 -20.47
N GLY A 433 -12.24 -5.34 -21.64
CA GLY A 433 -12.93 -5.52 -22.93
C GLY A 433 -12.02 -6.21 -23.93
N ARG A 434 -12.63 -6.97 -24.85
CA ARG A 434 -11.89 -7.58 -25.98
C ARG A 434 -11.36 -6.44 -26.86
N TYR A 435 -10.12 -6.56 -27.34
CA TYR A 435 -9.56 -5.64 -28.36
C TYR A 435 -9.99 -6.13 -29.75
N PRO B 23 -7.95 20.08 -16.52
CA PRO B 23 -8.77 20.09 -15.28
C PRO B 23 -7.91 20.28 -14.03
N SER B 24 -8.31 21.24 -13.17
CA SER B 24 -7.60 21.63 -11.93
C SER B 24 -8.61 22.04 -10.86
N THR B 25 -8.17 22.21 -9.62
CA THR B 25 -9.00 22.73 -8.50
C THR B 25 -9.39 24.17 -8.83
N ALA B 26 -8.44 24.97 -9.32
CA ALA B 26 -8.60 26.41 -9.62
C ALA B 26 -9.71 26.62 -10.67
N ASN B 27 -9.74 25.80 -11.73
CA ASN B 27 -10.66 25.98 -12.89
C ASN B 27 -11.96 25.19 -12.68
N GLY B 28 -12.14 24.58 -11.50
CA GLY B 28 -13.37 23.83 -11.14
C GLY B 28 -13.44 22.45 -11.78
N GLY B 29 -12.36 22.01 -12.44
CA GLY B 29 -12.26 20.68 -13.06
C GLY B 29 -12.34 19.57 -12.04
N PHE B 30 -11.80 19.81 -10.84
CA PHE B 30 -11.95 18.95 -9.64
C PHE B 30 -12.85 19.66 -8.63
N PRO B 31 -13.64 18.92 -7.82
CA PRO B 31 -14.40 19.54 -6.74
C PRO B 31 -13.46 20.10 -5.67
N SER B 32 -13.89 21.16 -5.00
CA SER B 32 -13.19 21.76 -3.83
C SER B 32 -13.18 20.74 -2.68
N VAL B 33 -12.00 20.46 -2.13
CA VAL B 33 -11.80 19.51 -1.00
C VAL B 33 -11.19 20.28 0.18
N VAL B 34 -11.79 20.15 1.37
CA VAL B 34 -11.40 20.91 2.59
C VAL B 34 -11.00 19.92 3.69
N VAL B 35 -10.08 20.35 4.55
CA VAL B 35 -9.68 19.64 5.80
C VAL B 35 -10.57 20.18 6.93
N THR B 36 -11.34 19.31 7.59
CA THR B 36 -12.37 19.72 8.58
C THR B 36 -12.01 19.24 9.99
N ALA B 37 -10.99 18.41 10.14
CA ALA B 37 -10.53 17.93 11.47
C ALA B 37 -9.14 17.30 11.34
N VAL B 38 -8.35 17.42 12.41
CA VAL B 38 -6.99 16.82 12.50
C VAL B 38 -6.81 16.23 13.89
N THR B 39 -6.05 15.14 13.98
CA THR B 39 -5.62 14.50 15.25
C THR B 39 -4.19 13.99 15.05
N ALA B 40 -3.39 14.04 16.09
CA ALA B 40 -2.03 13.46 16.07
C ALA B 40 -1.57 13.17 17.49
N THR B 41 -0.77 12.12 17.66
CA THR B 41 -0.03 11.82 18.91
C THR B 41 1.46 11.95 18.58
N THR B 42 2.20 12.69 19.40
CA THR B 42 3.64 13.00 19.14
C THR B 42 4.46 12.87 20.43
N SER B 43 5.77 13.06 20.30
CA SER B 43 6.73 13.06 21.43
C SER B 43 6.51 14.29 22.33
N ILE B 44 5.82 15.33 21.83
CA ILE B 44 5.53 16.56 22.63
C ILE B 44 4.21 16.38 23.40
N SER B 45 3.15 15.86 22.77
CA SER B 45 1.80 15.79 23.37
C SER B 45 0.91 14.80 22.63
N PRO B 46 -0.10 14.21 23.31
CA PRO B 46 -1.19 13.52 22.60
C PRO B 46 -2.23 14.45 21.96
N ASP B 47 -2.18 15.75 22.29
N ASP B 47 -2.18 15.75 22.29
CA ASP B 47 -3.12 16.78 21.79
CA ASP B 47 -3.12 16.79 21.80
C ASP B 47 -2.40 17.62 20.73
C ASP B 47 -2.41 17.63 20.73
N ILE B 48 -2.90 17.58 19.48
CA ILE B 48 -2.27 18.29 18.32
C ILE B 48 -2.19 19.80 18.60
N GLU B 49 -3.19 20.39 19.26
CA GLU B 49 -3.16 21.85 19.55
C GLU B 49 -2.02 22.14 20.54
N SER B 50 -1.75 21.22 21.47
CA SER B 50 -0.64 21.34 22.46
C SER B 50 0.71 21.11 21.77
N THR B 51 0.79 20.14 20.86
CA THR B 51 2.00 19.92 20.02
C THR B 51 2.31 21.24 19.29
N TRP B 52 1.29 21.82 18.65
CA TRP B 52 1.40 23.05 17.82
C TRP B 52 1.92 24.21 18.68
N LYS B 53 1.30 24.45 19.84
N LYS B 53 1.31 24.44 19.84
CA LYS B 53 1.73 25.52 20.79
CA LYS B 53 1.70 25.50 20.81
C LYS B 53 3.18 25.26 21.23
C LYS B 53 3.16 25.27 21.24
N GLY B 54 3.53 24.01 21.50
CA GLY B 54 4.90 23.62 21.91
C GLY B 54 5.92 23.92 20.82
N LEU B 55 5.62 23.53 19.57
CA LEU B 55 6.51 23.80 18.40
C LEU B 55 6.76 25.30 18.26
N LEU B 56 5.69 26.10 18.33
CA LEU B 56 5.77 27.58 18.17
C LEU B 56 6.60 28.19 19.31
N ALA B 57 6.67 27.54 20.48
CA ALA B 57 7.47 28.00 21.65
C ALA B 57 8.90 27.43 21.59
N GLY B 58 9.23 26.68 20.54
CA GLY B 58 10.60 26.15 20.30
C GLY B 58 10.88 24.87 21.07
N GLU B 59 9.84 24.11 21.44
CA GLU B 59 9.98 22.85 22.22
C GLU B 59 10.43 21.73 21.28
N SER B 60 11.23 20.81 21.83
CA SER B 60 11.68 19.54 21.19
C SER B 60 11.02 18.36 21.91
N GLY B 61 10.68 17.31 21.18
CA GLY B 61 10.17 16.04 21.73
C GLY B 61 11.28 15.02 21.95
N ILE B 62 12.53 15.38 21.63
CA ILE B 62 13.67 14.42 21.61
C ILE B 62 14.36 14.44 22.97
N HIS B 63 14.63 13.25 23.52
N HIS B 63 14.66 13.25 23.50
CA HIS B 63 15.23 13.03 24.85
CA HIS B 63 15.24 13.04 24.86
C HIS B 63 16.26 11.90 24.79
C HIS B 63 16.25 11.89 24.79
N ALA B 64 17.01 11.69 25.88
CA ALA B 64 17.84 10.49 26.08
C ALA B 64 16.90 9.29 26.24
N LEU B 65 17.13 8.20 25.50
CA LEU B 65 16.35 6.95 25.62
C LEU B 65 16.71 6.28 26.96
N GLU B 66 15.71 5.99 27.79
CA GLU B 66 15.88 5.36 29.12
C GLU B 66 15.53 3.87 29.05
N ASP B 67 15.22 3.37 27.85
CA ASP B 67 14.84 1.95 27.60
C ASP B 67 16.04 1.05 27.93
N GLU B 68 15.78 -0.10 28.56
CA GLU B 68 16.83 -1.07 28.97
C GLU B 68 17.56 -1.61 27.71
N PHE B 69 16.88 -1.67 26.56
CA PHE B 69 17.43 -2.26 25.32
C PHE B 69 18.64 -1.45 24.83
N VAL B 70 18.70 -0.16 25.15
CA VAL B 70 19.83 0.73 24.75
C VAL B 70 21.10 0.22 25.43
N THR B 71 21.03 -0.04 26.74
CA THR B 71 22.17 -0.53 27.56
C THR B 71 22.45 -1.99 27.21
N LYS B 72 21.41 -2.80 27.03
CA LYS B 72 21.51 -4.25 26.69
C LYS B 72 22.41 -4.44 25.46
N TRP B 73 22.15 -3.67 24.39
CA TRP B 73 22.82 -3.80 23.07
C TRP B 73 23.93 -2.76 22.90
N ASP B 74 24.09 -1.85 23.85
CA ASP B 74 25.03 -0.69 23.76
C ASP B 74 24.87 -0.05 22.37
N LEU B 75 23.63 0.35 22.04
CA LEU B 75 23.28 0.96 20.73
C LEU B 75 24.07 2.26 20.56
N ALA B 76 24.58 2.50 19.34
CA ALA B 76 25.28 3.75 18.95
C ALA B 76 24.32 4.94 19.13
N VAL B 77 23.04 4.74 18.80
CA VAL B 77 21.95 5.75 18.95
C VAL B 77 21.32 5.57 20.35
N LYS B 78 21.31 6.62 21.16
CA LYS B 78 20.81 6.60 22.56
C LYS B 78 19.82 7.74 22.77
N ILE B 79 19.21 8.23 21.69
CA ILE B 79 18.30 9.42 21.69
C ILE B 79 17.07 9.11 20.84
N GLY B 80 15.97 9.78 21.13
CA GLY B 80 14.73 9.66 20.35
C GLY B 80 13.56 10.25 21.11
N GLY B 81 12.40 10.31 20.45
CA GLY B 81 11.14 10.81 21.03
C GLY B 81 10.09 9.73 21.11
N HIS B 82 9.94 9.10 22.28
CA HIS B 82 8.76 8.26 22.58
C HIS B 82 7.53 9.17 22.62
N LEU B 83 6.35 8.64 22.31
CA LEU B 83 5.08 9.40 22.49
C LEU B 83 5.01 9.91 23.93
N LYS B 84 4.57 11.16 24.11
N LYS B 84 4.57 11.16 24.11
CA LYS B 84 4.33 11.76 25.45
CA LYS B 84 4.32 11.77 25.44
C LYS B 84 3.32 10.90 26.21
C LYS B 84 3.32 10.92 26.21
N ASP B 85 2.27 10.45 25.52
CA ASP B 85 1.19 9.61 26.08
C ASP B 85 1.19 8.27 25.35
N PRO B 86 1.70 7.18 25.96
CA PRO B 86 1.78 5.90 25.27
C PRO B 86 0.41 5.36 24.86
N VAL B 87 0.31 4.81 23.65
CA VAL B 87 -0.94 4.29 23.04
C VAL B 87 -1.57 3.25 23.98
N ASP B 88 -0.76 2.33 24.53
CA ASP B 88 -1.25 1.12 25.23
C ASP B 88 -1.82 1.46 26.62
N SER B 89 -1.60 2.68 27.10
N SER B 89 -1.59 2.68 27.11
CA SER B 89 -2.20 3.21 28.36
CA SER B 89 -2.20 3.21 28.36
C SER B 89 -3.71 3.42 28.17
C SER B 89 -3.72 3.39 28.17
N HIS B 90 -4.20 3.40 26.92
CA HIS B 90 -5.64 3.60 26.56
C HIS B 90 -6.27 2.29 26.06
N MET B 91 -5.54 1.16 26.14
CA MET B 91 -5.95 -0.11 25.50
C MET B 91 -6.29 -1.15 26.57
N GLY B 92 -7.49 -1.73 26.46
CA GLY B 92 -7.96 -2.87 27.28
C GLY B 92 -7.33 -4.17 26.85
N ARG B 93 -7.59 -5.24 27.61
N ARG B 93 -7.61 -5.25 27.58
CA ARG B 93 -6.95 -6.57 27.45
CA ARG B 93 -6.88 -6.54 27.43
C ARG B 93 -7.29 -7.17 26.08
C ARG B 93 -7.31 -7.23 26.12
N LEU B 94 -8.55 -7.01 25.63
CA LEU B 94 -9.01 -7.56 24.33
C LEU B 94 -8.23 -6.89 23.18
N ASP B 95 -8.07 -5.57 23.23
CA ASP B 95 -7.38 -4.79 22.18
C ASP B 95 -5.88 -5.16 22.18
N MET B 96 -5.30 -5.40 23.35
CA MET B 96 -3.86 -5.80 23.50
C MET B 96 -3.64 -7.19 22.90
N ARG B 97 -4.69 -8.03 22.83
CA ARG B 97 -4.60 -9.44 22.37
C ARG B 97 -4.97 -9.59 20.89
N ARG B 98 -5.82 -8.71 20.35
CA ARG B 98 -6.46 -8.91 19.02
C ARG B 98 -5.93 -7.91 17.98
N MET B 99 -5.07 -6.96 18.36
CA MET B 99 -4.54 -5.92 17.45
C MET B 99 -3.03 -5.82 17.57
N SER B 100 -2.36 -5.54 16.45
CA SER B 100 -0.93 -5.11 16.44
C SER B 100 -0.84 -3.67 16.95
N TYR B 101 0.36 -3.21 17.24
CA TYR B 101 0.57 -1.85 17.79
C TYR B 101 -0.04 -0.80 16.85
N VAL B 102 0.23 -0.88 15.54
CA VAL B 102 -0.24 0.16 14.58
C VAL B 102 -1.77 0.14 14.51
N GLN B 103 -2.40 -1.02 14.70
CA GLN B 103 -3.88 -1.13 14.75
C GLN B 103 -4.42 -0.44 16.02
N ARG B 104 -3.75 -0.62 17.16
CA ARG B 104 -4.15 0.04 18.44
C ARG B 104 -3.99 1.55 18.26
N MET B 105 -2.90 2.02 17.66
CA MET B 105 -2.70 3.47 17.40
C MET B 105 -3.81 3.95 16.47
N GLY B 106 -4.10 3.19 15.41
CA GLY B 106 -5.17 3.53 14.44
C GLY B 106 -6.52 3.70 15.13
N LYS B 107 -6.89 2.76 16.00
CA LYS B 107 -8.19 2.79 16.71
C LYS B 107 -8.26 4.05 17.59
N LEU B 108 -7.19 4.33 18.34
CA LEU B 108 -7.14 5.49 19.26
C LEU B 108 -7.32 6.79 18.46
N LEU B 109 -6.54 6.98 17.39
CA LEU B 109 -6.58 8.23 16.59
C LEU B 109 -7.90 8.33 15.83
N GLY B 110 -8.42 7.22 15.30
CA GLY B 110 -9.70 7.21 14.57
C GLY B 110 -10.83 7.73 15.46
N GLY B 111 -10.91 7.22 16.68
CA GLY B 111 -11.91 7.65 17.69
C GLY B 111 -11.77 9.12 18.02
N GLN B 112 -10.54 9.59 18.25
CA GLN B 112 -10.26 11.01 18.60
C GLN B 112 -10.66 11.92 17.45
N LEU B 113 -10.31 11.57 16.21
CA LEU B 113 -10.60 12.38 15.00
C LEU B 113 -12.11 12.53 14.86
N TRP B 114 -12.86 11.44 15.01
CA TRP B 114 -14.33 11.44 14.78
C TRP B 114 -15.01 12.34 15.83
N GLU B 115 -14.57 12.26 17.09
CA GLU B 115 -15.07 13.11 18.20
C GLU B 115 -14.76 14.58 17.88
N SER B 116 -13.55 14.88 17.41
CA SER B 116 -13.08 16.25 17.05
C SER B 116 -13.94 16.82 15.91
N ALA B 117 -14.42 15.97 15.01
CA ALA B 117 -15.25 16.32 13.84
C ALA B 117 -16.73 16.48 14.24
N GLY B 118 -17.06 16.25 15.50
CA GLY B 118 -18.43 16.36 16.05
C GLY B 118 -19.24 15.09 15.82
N SER B 119 -18.55 13.95 15.67
CA SER B 119 -19.15 12.61 15.46
C SER B 119 -20.23 12.69 14.38
N PRO B 120 -19.89 13.08 13.13
CA PRO B 120 -20.89 13.29 12.09
C PRO B 120 -21.51 11.97 11.60
N GLU B 121 -22.80 12.00 11.24
CA GLU B 121 -23.51 10.86 10.60
C GLU B 121 -23.40 11.03 9.07
N VAL B 122 -22.39 10.41 8.47
CA VAL B 122 -22.10 10.50 7.01
C VAL B 122 -22.67 9.24 6.32
N ASP B 123 -22.81 9.31 5.00
CA ASP B 123 -23.21 8.15 4.16
C ASP B 123 -22.03 7.18 4.12
N PRO B 124 -22.11 5.98 4.73
CA PRO B 124 -21.00 5.04 4.73
C PRO B 124 -20.52 4.70 3.30
N ASP B 125 -21.45 4.68 2.34
CA ASP B 125 -21.19 4.29 0.94
C ASP B 125 -20.48 5.43 0.19
N ARG B 126 -20.27 6.58 0.84
CA ARG B 126 -19.53 7.73 0.25
C ARG B 126 -18.34 8.11 1.15
N PHE B 127 -17.96 7.22 2.06
CA PHE B 127 -16.94 7.45 3.12
C PHE B 127 -15.78 6.46 2.92
N ALA B 128 -14.58 6.98 2.64
CA ALA B 128 -13.35 6.17 2.41
C ALA B 128 -12.36 6.37 3.56
N VAL B 129 -11.48 5.39 3.74
CA VAL B 129 -10.32 5.47 4.68
C VAL B 129 -9.04 5.15 3.87
N VAL B 130 -8.02 5.98 4.01
CA VAL B 130 -6.70 5.73 3.38
C VAL B 130 -5.64 6.01 4.45
N VAL B 131 -5.00 4.96 4.96
CA VAL B 131 -3.99 5.08 6.06
C VAL B 131 -2.74 4.29 5.65
N GLY B 132 -1.63 5.01 5.52
CA GLY B 132 -0.32 4.44 5.20
C GLY B 132 0.42 4.02 6.46
N THR B 133 1.38 3.12 6.32
CA THR B 133 2.30 2.72 7.40
C THR B 133 3.58 2.21 6.74
N GLY B 134 4.70 2.23 7.45
CA GLY B 134 6.00 1.76 6.93
C GLY B 134 6.06 0.25 6.75
N LEU B 135 5.48 -0.51 7.68
CA LEU B 135 5.77 -1.97 7.80
C LEU B 135 4.50 -2.76 8.10
N GLY B 136 3.78 -2.40 9.16
CA GLY B 136 2.56 -3.09 9.61
C GLY B 136 2.73 -3.69 11.00
N GLY B 137 2.08 -4.82 11.27
CA GLY B 137 2.13 -5.48 12.60
C GLY B 137 3.36 -6.37 12.74
N ALA B 138 4.55 -5.82 12.51
CA ALA B 138 5.81 -6.58 12.37
C ALA B 138 6.15 -7.32 13.68
N GLU B 139 5.81 -6.76 14.84
CA GLU B 139 6.11 -7.40 16.14
C GLU B 139 5.36 -8.73 16.25
N ARG B 140 4.21 -8.86 15.59
CA ARG B 140 3.40 -10.12 15.60
C ARG B 140 4.06 -11.17 14.70
N ILE B 141 4.87 -10.77 13.70
CA ILE B 141 5.64 -11.74 12.88
C ILE B 141 6.67 -12.42 13.79
N VAL B 142 7.48 -11.64 14.50
CA VAL B 142 8.58 -12.17 15.35
C VAL B 142 7.97 -12.99 16.50
N GLU B 143 6.84 -12.54 17.06
N GLU B 143 6.84 -12.54 17.06
CA GLU B 143 6.13 -13.25 18.16
CA GLU B 143 6.11 -13.25 18.15
C GLU B 143 5.64 -14.62 17.64
C GLU B 143 5.62 -14.61 17.65
N SER B 144 4.99 -14.65 16.48
CA SER B 144 4.48 -15.89 15.84
C SER B 144 5.64 -16.85 15.57
N TYR B 145 6.75 -16.33 15.05
CA TYR B 145 8.00 -17.10 14.77
C TYR B 145 8.50 -17.75 16.06
N ASP B 146 8.65 -16.96 17.14
CA ASP B 146 9.17 -17.44 18.44
C ASP B 146 8.21 -18.48 19.04
N LEU B 147 6.90 -18.22 19.00
CA LEU B 147 5.86 -19.12 19.57
C LEU B 147 5.89 -20.48 18.85
N MET B 148 6.01 -20.46 17.52
CA MET B 148 6.03 -21.71 16.71
C MET B 148 7.32 -22.49 16.98
N ASN B 149 8.46 -21.80 17.07
CA ASN B 149 9.77 -22.44 17.36
C ASN B 149 9.72 -23.11 18.74
N ALA B 150 8.99 -22.52 19.69
CA ALA B 150 8.90 -22.98 21.10
C ALA B 150 7.94 -24.17 21.22
N GLY B 151 6.73 -24.06 20.66
CA GLY B 151 5.62 -25.00 20.94
C GLY B 151 4.86 -25.47 19.71
N GLY B 152 5.34 -25.18 18.50
CA GLY B 152 4.78 -25.72 17.24
C GLY B 152 3.69 -24.84 16.65
N PRO B 153 3.10 -25.25 15.49
CA PRO B 153 2.19 -24.39 14.73
C PRO B 153 0.90 -24.01 15.47
N ARG B 154 0.44 -24.83 16.41
CA ARG B 154 -0.83 -24.60 17.17
C ARG B 154 -0.65 -23.47 18.19
N LYS B 155 0.57 -22.97 18.39
CA LYS B 155 0.85 -21.83 19.31
C LYS B 155 0.73 -20.49 18.58
N VAL B 156 0.64 -20.52 17.25
CA VAL B 156 0.45 -19.29 16.42
C VAL B 156 -1.02 -18.84 16.59
N SER B 157 -1.24 -17.56 16.86
CA SER B 157 -2.59 -16.99 17.10
C SER B 157 -3.44 -17.11 15.84
N PRO B 158 -4.73 -17.54 15.96
CA PRO B 158 -5.67 -17.41 14.84
C PRO B 158 -5.82 -15.97 14.34
N LEU B 159 -5.38 -14.98 15.13
CA LEU B 159 -5.49 -13.53 14.80
C LEU B 159 -4.18 -13.01 14.19
N ALA B 160 -3.14 -13.85 14.07
CA ALA B 160 -1.81 -13.42 13.58
C ALA B 160 -1.94 -12.71 12.21
N VAL B 161 -2.60 -13.33 11.23
CA VAL B 161 -2.67 -12.78 9.84
C VAL B 161 -3.28 -11.37 9.88
N GLN B 162 -4.43 -11.19 10.54
CA GLN B 162 -5.19 -9.91 10.50
C GLN B 162 -4.44 -8.83 11.31
N MET B 163 -3.57 -9.23 12.25
CA MET B 163 -2.75 -8.27 13.03
C MET B 163 -1.48 -7.91 12.23
N ILE B 164 -0.91 -8.86 11.50
CA ILE B 164 0.38 -8.67 10.76
C ILE B 164 0.14 -7.84 9.49
N MET B 165 -0.93 -8.11 8.77
CA MET B 165 -1.13 -7.58 7.39
C MET B 165 -1.01 -6.05 7.41
N PRO B 166 -0.18 -5.42 6.54
CA PRO B 166 0.05 -3.98 6.62
C PRO B 166 -1.19 -3.10 6.45
N ASN B 167 -2.24 -3.62 5.80
CA ASN B 167 -3.55 -2.94 5.64
C ASN B 167 -4.36 -3.01 6.96
N GLY B 168 -3.83 -3.66 7.99
CA GLY B 168 -4.53 -3.90 9.27
C GLY B 168 -5.04 -2.62 9.94
N ALA B 169 -4.23 -1.57 9.99
CA ALA B 169 -4.57 -0.30 10.67
C ALA B 169 -5.72 0.38 9.91
N ALA B 170 -5.61 0.51 8.59
CA ALA B 170 -6.66 1.09 7.74
C ALA B 170 -7.95 0.27 7.92
N ALA B 171 -7.85 -1.05 7.93
CA ALA B 171 -9.00 -1.96 8.07
C ALA B 171 -9.69 -1.72 9.41
N VAL B 172 -8.93 -1.61 10.50
CA VAL B 172 -9.50 -1.35 11.86
C VAL B 172 -10.24 -0.01 11.86
N ILE B 173 -9.65 1.03 11.29
CA ILE B 173 -10.27 2.39 11.26
C ILE B 173 -11.53 2.35 10.39
N GLY B 174 -11.47 1.67 9.24
CA GLY B 174 -12.62 1.50 8.33
C GLY B 174 -13.79 0.83 9.06
N LEU B 175 -13.52 -0.23 9.81
CA LEU B 175 -14.56 -0.98 10.58
C LEU B 175 -15.10 -0.08 11.70
N GLN B 176 -14.20 0.61 12.42
CA GLN B 176 -14.52 1.48 13.57
C GLN B 176 -15.51 2.58 13.15
N LEU B 177 -15.25 3.25 12.03
CA LEU B 177 -15.99 4.49 11.63
C LEU B 177 -17.07 4.18 10.58
N GLY B 178 -17.03 3.02 9.92
CA GLY B 178 -18.08 2.60 8.97
C GLY B 178 -17.85 3.12 7.56
N ALA B 179 -16.60 3.05 7.06
CA ALA B 179 -16.23 3.52 5.71
C ALA B 179 -16.42 2.39 4.70
N ARG B 180 -17.32 2.57 3.74
CA ARG B 180 -17.68 1.52 2.76
C ARG B 180 -17.38 1.95 1.32
N ALA B 181 -16.70 3.10 1.12
CA ALA B 181 -16.32 3.63 -0.21
C ALA B 181 -14.82 3.37 -0.45
N GLY B 182 -14.25 2.36 0.21
CA GLY B 182 -12.86 1.93 0.00
C GLY B 182 -12.01 2.14 1.25
N VAL B 183 -11.20 1.14 1.59
CA VAL B 183 -10.18 1.21 2.68
C VAL B 183 -8.85 0.82 2.05
N MET B 184 -7.92 1.76 1.97
CA MET B 184 -6.69 1.61 1.19
C MET B 184 -5.46 1.91 2.05
N THR B 185 -4.36 1.23 1.75
CA THR B 185 -3.07 1.35 2.46
C THR B 185 -1.98 1.42 1.41
N PRO B 186 -1.47 2.63 1.08
CA PRO B 186 -0.27 2.75 0.27
C PRO B 186 0.95 2.55 1.19
N VAL B 187 1.94 1.81 0.72
N VAL B 187 1.95 1.82 0.73
CA VAL B 187 3.27 1.70 1.39
CA VAL B 187 3.26 1.71 1.43
C VAL B 187 4.31 2.32 0.47
C VAL B 187 4.36 2.27 0.51
N SER B 188 5.05 3.30 0.98
CA SER B 188 6.18 3.93 0.26
C SER B 188 7.18 4.43 1.31
N ALA B 189 7.42 3.60 2.34
CA ALA B 189 8.39 3.90 3.42
C ALA B 189 8.05 5.29 4.01
N CYS B 190 9.00 6.24 3.99
CA CYS B 190 8.88 7.52 4.72
C CYS B 190 7.84 8.44 4.08
N SER B 191 7.32 8.15 2.89
CA SER B 191 6.28 8.99 2.24
C SER B 191 4.88 8.36 2.36
N SER B 192 4.72 7.24 3.07
CA SER B 192 3.44 6.48 3.14
C SER B 192 2.31 7.40 3.65
N GLY B 193 2.57 8.20 4.67
CA GLY B 193 1.55 9.03 5.35
C GLY B 193 1.03 10.13 4.43
N SER B 194 1.89 10.76 3.65
CA SER B 194 1.51 11.77 2.62
C SER B 194 0.82 11.08 1.45
N GLU B 195 1.33 9.92 1.02
CA GLU B 195 0.75 9.21 -0.14
C GLU B 195 -0.71 8.84 0.18
N ALA B 196 -0.99 8.49 1.43
CA ALA B 196 -2.36 8.12 1.88
C ALA B 196 -3.29 9.31 1.66
N ILE B 197 -2.85 10.51 2.05
CA ILE B 197 -3.65 11.75 1.85
C ILE B 197 -3.82 12.01 0.34
N ALA B 198 -2.78 11.80 -0.47
CA ALA B 198 -2.84 11.95 -1.94
C ALA B 198 -3.94 11.06 -2.53
N HIS B 199 -3.97 9.78 -2.14
CA HIS B 199 -4.94 8.79 -2.69
C HIS B 199 -6.35 9.08 -2.17
N ALA B 200 -6.48 9.59 -0.95
CA ALA B 200 -7.79 10.00 -0.38
C ALA B 200 -8.34 11.16 -1.21
N TRP B 201 -7.49 12.14 -1.54
CA TRP B 201 -7.86 13.28 -2.42
C TRP B 201 -8.32 12.73 -3.79
N ARG B 202 -7.58 11.80 -4.38
CA ARG B 202 -7.92 11.19 -5.70
C ARG B 202 -9.28 10.50 -5.62
N GLN B 203 -9.54 9.76 -4.55
CA GLN B 203 -10.81 8.99 -4.35
C GLN B 203 -11.98 9.97 -4.35
N ILE B 204 -11.82 11.17 -3.77
CA ILE B 204 -12.90 12.19 -3.71
C ILE B 204 -13.05 12.86 -5.08
N VAL B 205 -11.97 13.34 -5.68
CA VAL B 205 -12.05 14.16 -6.94
C VAL B 205 -12.49 13.27 -8.11
N MET B 206 -12.22 11.96 -8.06
CA MET B 206 -12.68 10.98 -9.10
C MET B 206 -14.14 10.58 -8.86
N GLY B 207 -14.73 10.97 -7.72
CA GLY B 207 -16.17 10.83 -7.44
C GLY B 207 -16.54 9.53 -6.73
N ASP B 208 -15.56 8.83 -6.17
CA ASP B 208 -15.78 7.53 -5.46
C ASP B 208 -16.21 7.78 -4.00
N ALA B 209 -15.91 8.95 -3.45
CA ALA B 209 -16.23 9.30 -2.05
C ALA B 209 -16.44 10.80 -1.92
N ASP B 210 -17.19 11.21 -0.90
CA ASP B 210 -17.42 12.64 -0.56
C ASP B 210 -16.63 13.03 0.70
N VAL B 211 -16.20 12.04 1.48
CA VAL B 211 -15.52 12.24 2.79
C VAL B 211 -14.49 11.11 2.97
N ALA B 212 -13.33 11.42 3.54
CA ALA B 212 -12.26 10.42 3.79
C ALA B 212 -11.51 10.75 5.07
N VAL B 213 -11.24 9.74 5.89
CA VAL B 213 -10.22 9.76 6.98
C VAL B 213 -8.91 9.27 6.36
N CYS B 214 -7.85 10.04 6.48
CA CYS B 214 -6.55 9.68 5.83
C CYS B 214 -5.38 10.15 6.70
N GLY B 215 -4.27 9.44 6.60
CA GLY B 215 -3.02 9.80 7.27
C GLY B 215 -2.11 8.60 7.40
N GLY B 216 -1.40 8.51 8.52
CA GLY B 216 -0.37 7.48 8.70
C GLY B 216 -0.19 7.11 10.15
N VAL B 217 0.15 5.84 10.40
CA VAL B 217 0.51 5.32 11.74
C VAL B 217 1.86 4.62 11.62
N GLU B 218 2.55 4.45 12.74
CA GLU B 218 3.88 3.82 12.74
C GLU B 218 4.15 3.21 14.10
N GLY B 219 4.99 2.19 14.14
CA GLY B 219 5.37 1.48 15.38
C GLY B 219 6.30 2.32 16.25
N PRO B 220 6.59 1.84 17.47
CA PRO B 220 7.44 2.56 18.41
C PRO B 220 8.93 2.33 18.16
N ILE B 221 9.75 3.14 18.82
CA ILE B 221 11.23 2.99 18.83
C ILE B 221 11.58 1.72 19.60
N GLU B 222 12.31 0.81 18.96
N GLU B 222 12.34 0.83 18.95
CA GLU B 222 12.79 -0.46 19.56
CA GLU B 222 12.80 -0.45 19.53
C GLU B 222 14.22 -0.71 19.06
C GLU B 222 14.24 -0.71 19.04
N ALA B 223 14.91 -1.69 19.64
CA ALA B 223 16.34 -1.98 19.39
C ALA B 223 16.56 -2.40 17.93
N LEU B 224 15.70 -3.27 17.39
CA LEU B 224 15.90 -3.78 16.00
C LEU B 224 15.71 -2.65 14.98
N PRO B 225 14.62 -1.84 15.04
CA PRO B 225 14.51 -0.65 14.20
C PRO B 225 15.73 0.27 14.25
N ILE B 226 16.24 0.57 15.46
CA ILE B 226 17.45 1.43 15.62
C ILE B 226 18.61 0.76 14.90
N ALA B 227 18.83 -0.54 15.11
CA ALA B 227 19.98 -1.27 14.50
C ALA B 227 19.88 -1.18 12.98
N ALA B 228 18.70 -1.41 12.41
CA ALA B 228 18.51 -1.50 10.94
C ALA B 228 18.81 -0.14 10.28
N PHE B 229 18.25 0.96 10.79
CA PHE B 229 18.47 2.32 10.22
C PHE B 229 19.89 2.79 10.57
N SER B 230 20.40 2.48 11.76
CA SER B 230 21.77 2.86 12.20
C SER B 230 22.81 2.24 11.25
N MET B 231 22.61 0.99 10.84
CA MET B 231 23.61 0.27 10.01
C MET B 231 23.66 0.86 8.59
N MET B 232 22.69 1.67 8.19
CA MET B 232 22.74 2.45 6.92
C MET B 232 23.53 3.76 7.12
N ARG B 233 23.88 4.09 8.37
CA ARG B 233 24.48 5.38 8.80
C ARG B 233 23.49 6.53 8.54
N ALA B 234 22.19 6.26 8.67
CA ALA B 234 21.10 7.24 8.41
C ALA B 234 20.80 8.07 9.67
N MET B 235 21.30 7.67 10.84
CA MET B 235 20.81 8.19 12.15
C MET B 235 21.88 9.03 12.86
N SER B 236 21.45 10.11 13.50
CA SER B 236 22.30 10.96 14.38
C SER B 236 22.76 10.18 15.60
N THR B 237 24.01 10.38 16.01
CA THR B 237 24.59 9.82 17.26
C THR B 237 25.06 10.95 18.19
N ARG B 238 24.43 12.13 18.13
N ARG B 238 24.41 12.12 18.13
CA ARG B 238 24.73 13.27 19.05
CA ARG B 238 24.71 13.28 19.03
C ARG B 238 23.99 13.04 20.36
C ARG B 238 23.99 13.04 20.37
N ASN B 239 24.43 12.03 21.13
CA ASN B 239 23.73 11.51 22.33
C ASN B 239 23.88 12.46 23.51
N ASP B 240 24.96 13.27 23.54
CA ASP B 240 25.29 14.18 24.67
C ASP B 240 24.27 15.32 24.75
N GLU B 241 23.67 15.72 23.61
CA GLU B 241 22.73 16.86 23.51
C GLU B 241 21.53 16.44 22.68
N PRO B 242 20.61 15.60 23.22
CA PRO B 242 19.54 15.01 22.43
C PRO B 242 18.70 16.03 21.64
N GLU B 243 18.36 17.18 22.25
CA GLU B 243 17.48 18.21 21.62
C GLU B 243 18.21 18.91 20.48
N ARG B 244 19.54 18.82 20.41
CA ARG B 244 20.37 19.47 19.36
C ARG B 244 20.73 18.50 18.23
N ALA B 245 20.29 17.24 18.30
CA ALA B 245 20.77 16.15 17.42
C ALA B 245 20.18 16.29 16.01
N SER B 246 18.88 16.58 15.90
CA SER B 246 18.15 16.68 14.61
C SER B 246 18.36 18.07 14.00
N ARG B 247 19.18 18.18 12.94
CA ARG B 247 19.64 19.49 12.40
C ARG B 247 19.38 19.57 10.89
N PRO B 248 18.12 19.45 10.43
CA PRO B 248 17.83 19.54 9.00
C PRO B 248 18.34 20.84 8.37
N PHE B 249 19.06 20.70 7.25
CA PHE B 249 19.64 21.78 6.40
C PHE B 249 20.85 22.44 7.08
N ASP B 250 21.20 22.05 8.31
CA ASP B 250 22.36 22.62 9.05
C ASP B 250 23.66 22.00 8.52
N LYS B 251 24.75 22.76 8.49
CA LYS B 251 26.06 22.26 8.00
C LYS B 251 26.53 21.06 8.84
N ASP B 252 26.18 21.00 10.13
CA ASP B 252 26.73 20.01 11.10
C ASP B 252 25.76 18.83 11.30
N ARG B 253 24.77 18.67 10.43
CA ARG B 253 23.78 17.56 10.53
C ARG B 253 24.51 16.21 10.37
N ASP B 254 24.01 15.16 11.02
CA ASP B 254 24.65 13.81 10.96
C ASP B 254 23.58 12.71 10.95
N GLY B 255 22.41 12.97 10.35
CA GLY B 255 21.35 11.96 10.17
C GLY B 255 20.11 12.27 10.98
N PHE B 256 19.12 11.38 10.90
CA PHE B 256 17.78 11.62 11.48
C PHE B 256 17.71 11.07 12.90
N VAL B 257 16.71 11.55 13.64
CA VAL B 257 16.36 11.10 15.00
C VAL B 257 14.94 10.52 14.95
N PHE B 258 14.74 9.32 15.49
CA PHE B 258 13.39 8.76 15.63
C PHE B 258 12.56 9.64 16.55
N GLY B 259 11.37 10.01 16.08
CA GLY B 259 10.32 10.65 16.89
C GLY B 259 8.99 9.98 16.61
N GLU B 260 8.47 9.23 17.58
CA GLU B 260 7.21 8.46 17.40
C GLU B 260 6.06 9.42 17.08
N ALA B 261 5.14 8.98 16.23
CA ALA B 261 3.94 9.75 15.86
C ALA B 261 2.91 8.87 15.17
N GLY B 262 1.68 9.36 15.19
CA GLY B 262 0.59 8.97 14.28
C GLY B 262 -0.27 10.19 14.02
N ALA B 263 -0.88 10.29 12.85
CA ALA B 263 -1.68 11.47 12.50
C ALA B 263 -2.76 11.10 11.49
N LEU B 264 -3.97 11.60 11.70
CA LEU B 264 -5.10 11.46 10.76
C LEU B 264 -5.72 12.84 10.53
N MET B 265 -6.26 13.06 9.35
CA MET B 265 -7.11 14.23 9.06
C MET B 265 -8.40 13.74 8.40
N LEU B 266 -9.46 14.53 8.58
CA LEU B 266 -10.75 14.34 7.88
C LEU B 266 -10.79 15.33 6.72
N ILE B 267 -10.94 14.82 5.49
CA ILE B 267 -11.13 15.65 4.27
C ILE B 267 -12.51 15.31 3.69
N GLU B 268 -13.13 16.30 3.06
CA GLU B 268 -14.46 16.13 2.42
C GLU B 268 -14.65 17.25 1.40
N THR B 269 -15.60 17.08 0.47
CA THR B 269 -15.95 18.14 -0.51
C THR B 269 -16.43 19.36 0.28
N GLU B 270 -16.20 20.55 -0.25
CA GLU B 270 -16.61 21.83 0.41
C GLU B 270 -18.13 21.82 0.61
N GLU B 271 -18.87 21.29 -0.36
CA GLU B 271 -20.36 21.14 -0.33
C GLU B 271 -20.75 20.24 0.84
N HIS B 272 -20.06 19.11 1.04
CA HIS B 272 -20.33 18.12 2.11
C HIS B 272 -20.12 18.77 3.48
N ALA B 273 -19.03 19.52 3.64
CA ALA B 273 -18.65 20.25 4.87
C ALA B 273 -19.73 21.30 5.19
N LYS B 274 -20.13 22.08 4.18
CA LYS B 274 -21.12 23.18 4.31
C LYS B 274 -22.47 22.59 4.77
N ALA B 275 -22.87 21.45 4.19
CA ALA B 275 -24.17 20.78 4.45
C ALA B 275 -24.29 20.39 5.93
N ARG B 276 -23.19 20.00 6.59
CA ARG B 276 -23.18 19.53 8.01
C ARG B 276 -22.65 20.63 8.93
N GLY B 277 -22.35 21.82 8.39
CA GLY B 277 -21.89 22.99 9.16
C GLY B 277 -20.51 22.78 9.76
N ALA B 278 -19.67 21.97 9.12
CA ALA B 278 -18.25 21.78 9.49
C ALA B 278 -17.47 23.04 9.15
N LYS B 279 -16.51 23.43 9.99
CA LYS B 279 -15.66 24.64 9.80
C LYS B 279 -14.30 24.21 9.25
N PRO B 280 -14.01 24.44 7.94
CA PRO B 280 -12.74 24.03 7.35
C PRO B 280 -11.51 24.71 7.97
N LEU B 281 -10.43 23.94 8.16
CA LEU B 281 -9.10 24.39 8.67
C LEU B 281 -8.26 24.88 7.48
N ALA B 282 -8.44 24.28 6.30
CA ALA B 282 -7.61 24.52 5.10
C ALA B 282 -8.23 23.78 3.91
N ARG B 283 -7.67 24.01 2.72
CA ARG B 283 -8.05 23.34 1.45
C ARG B 283 -6.92 22.40 1.04
N LEU B 284 -7.26 21.19 0.58
CA LEU B 284 -6.31 20.26 -0.07
C LEU B 284 -6.54 20.36 -1.58
N LEU B 285 -5.58 20.95 -2.31
CA LEU B 285 -5.77 21.47 -3.68
C LEU B 285 -5.26 20.49 -4.73
N GLY B 286 -4.24 19.70 -4.39
CA GLY B 286 -3.56 18.84 -5.38
C GLY B 286 -2.51 17.96 -4.74
N ALA B 287 -2.13 16.90 -5.45
CA ALA B 287 -1.16 15.88 -4.99
C ALA B 287 -0.31 15.43 -6.18
N GLY B 288 1.00 15.34 -5.99
CA GLY B 288 1.94 14.87 -7.02
C GLY B 288 2.71 13.67 -6.51
N ILE B 289 2.73 12.59 -7.30
CA ILE B 289 3.50 11.36 -6.95
C ILE B 289 4.42 11.05 -8.13
N THR B 290 5.73 11.05 -7.88
CA THR B 290 6.76 10.67 -8.88
C THR B 290 7.73 9.69 -8.25
N SER B 291 8.70 9.22 -9.02
CA SER B 291 9.71 8.26 -8.56
C SER B 291 11.06 8.60 -9.18
N ASP B 292 12.14 8.30 -8.46
CA ASP B 292 13.52 8.63 -8.86
C ASP B 292 14.07 7.60 -9.86
N ALA B 293 13.76 6.32 -9.67
CA ALA B 293 14.42 5.18 -10.36
C ALA B 293 15.93 5.43 -10.40
N PHE B 294 16.54 5.62 -9.24
CA PHE B 294 17.95 6.08 -9.08
C PHE B 294 18.75 5.10 -8.21
N HIS B 295 18.25 4.79 -7.02
CA HIS B 295 18.96 3.98 -5.99
C HIS B 295 17.94 3.48 -4.97
N MET B 296 18.19 2.36 -4.31
CA MET B 296 17.21 1.75 -3.38
C MET B 296 17.07 2.59 -2.11
N VAL B 297 18.08 3.37 -1.71
CA VAL B 297 17.99 4.19 -0.45
C VAL B 297 18.46 5.63 -0.67
N ALA B 298 19.39 5.90 -1.59
CA ALA B 298 19.90 7.26 -1.84
C ALA B 298 18.90 8.01 -2.72
N PRO B 299 18.56 9.27 -2.38
CA PRO B 299 17.74 10.10 -3.25
C PRO B 299 18.58 10.58 -4.44
N ALA B 300 17.97 10.80 -5.60
CA ALA B 300 18.65 11.38 -6.79
C ALA B 300 19.25 12.74 -6.41
N ALA B 301 20.56 12.91 -6.61
CA ALA B 301 21.30 14.14 -6.24
C ALA B 301 20.68 15.38 -6.90
N ASP B 302 20.17 15.25 -8.13
CA ASP B 302 19.71 16.41 -8.94
C ASP B 302 18.34 16.91 -8.46
N GLY B 303 17.61 16.10 -7.68
CA GLY B 303 16.29 16.46 -7.14
C GLY B 303 15.23 16.71 -8.20
N VAL B 304 15.45 16.27 -9.44
CA VAL B 304 14.57 16.62 -10.59
C VAL B 304 13.20 15.94 -10.41
N ARG B 305 13.16 14.62 -10.20
CA ARG B 305 11.86 13.91 -10.05
C ARG B 305 11.15 14.36 -8.78
N ALA B 306 11.88 14.60 -7.69
CA ALA B 306 11.31 15.13 -6.43
C ALA B 306 10.67 16.49 -6.71
N GLY B 307 11.39 17.38 -7.41
CA GLY B 307 10.87 18.69 -7.83
C GLY B 307 9.61 18.55 -8.68
N ARG B 308 9.57 17.54 -9.56
N ARG B 308 9.57 17.53 -9.56
CA ARG B 308 8.43 17.30 -10.49
CA ARG B 308 8.43 17.30 -10.49
C ARG B 308 7.19 16.87 -9.70
C ARG B 308 7.19 16.84 -9.72
N ALA B 309 7.37 16.18 -8.57
CA ALA B 309 6.24 15.84 -7.66
C ALA B 309 5.60 17.15 -7.17
N MET B 310 6.43 18.10 -6.74
CA MET B 310 5.96 19.45 -6.32
C MET B 310 5.23 20.11 -7.50
N THR B 311 5.85 20.12 -8.69
CA THR B 311 5.27 20.73 -9.91
C THR B 311 3.90 20.10 -10.21
N ARG B 312 3.80 18.77 -10.09
CA ARG B 312 2.54 18.06 -10.43
C ARG B 312 1.43 18.49 -9.46
N SER B 313 1.74 18.66 -8.17
CA SER B 313 0.76 19.12 -7.15
C SER B 313 0.25 20.53 -7.53
N LEU B 314 1.13 21.37 -8.08
CA LEU B 314 0.77 22.75 -8.51
C LEU B 314 -0.11 22.67 -9.77
N GLU B 315 0.23 21.79 -10.72
CA GLU B 315 -0.56 21.59 -11.97
C GLU B 315 -2.00 21.23 -11.61
N LEU B 316 -2.20 20.27 -10.71
CA LEU B 316 -3.54 19.77 -10.34
C LEU B 316 -4.27 20.81 -9.48
N ALA B 317 -3.55 21.60 -8.69
CA ALA B 317 -4.11 22.69 -7.86
C ALA B 317 -4.52 23.87 -8.76
N GLY B 318 -3.81 24.09 -9.86
CA GLY B 318 -3.97 25.27 -10.74
C GLY B 318 -3.18 26.46 -10.22
N LEU B 319 -2.05 26.19 -9.56
CA LEU B 319 -1.13 27.21 -8.96
C LEU B 319 0.14 27.30 -9.80
N SER B 320 0.84 28.43 -9.70
CA SER B 320 2.22 28.63 -10.22
C SER B 320 3.19 28.58 -9.04
N PRO B 321 4.49 28.29 -9.28
CA PRO B 321 5.47 28.26 -8.19
C PRO B 321 5.52 29.56 -7.38
N ALA B 322 5.29 30.71 -8.03
CA ALA B 322 5.29 32.05 -7.40
C ALA B 322 4.20 32.16 -6.34
N ASP B 323 3.15 31.33 -6.40
CA ASP B 323 2.02 31.33 -5.44
C ASP B 323 2.44 30.68 -4.12
N ILE B 324 3.49 29.84 -4.11
CA ILE B 324 3.85 29.02 -2.92
C ILE B 324 4.65 29.88 -1.93
N ASP B 325 4.03 30.16 -0.78
CA ASP B 325 4.60 31.01 0.31
C ASP B 325 5.46 30.14 1.23
N HIS B 326 5.19 28.84 1.28
CA HIS B 326 5.71 27.94 2.35
C HIS B 326 5.92 26.53 1.80
N VAL B 327 7.07 25.93 2.12
CA VAL B 327 7.35 24.48 1.91
C VAL B 327 7.58 23.85 3.29
N ASN B 328 6.78 22.85 3.65
CA ASN B 328 7.06 21.94 4.78
C ASN B 328 7.98 20.84 4.24
N ALA B 329 9.27 20.96 4.49
CA ALA B 329 10.32 20.09 3.93
C ALA B 329 10.21 18.67 4.48
N HIS B 330 10.67 17.69 3.72
CA HIS B 330 10.93 16.32 4.23
C HIS B 330 12.05 16.42 5.28
N GLY B 331 13.16 17.10 4.93
CA GLY B 331 14.24 17.51 5.85
C GLY B 331 14.50 16.52 6.97
N THR B 332 15.09 15.37 6.65
CA THR B 332 15.40 14.30 7.64
C THR B 332 16.70 14.59 8.39
N ALA B 333 17.55 15.49 7.86
CA ALA B 333 18.86 15.87 8.43
C ALA B 333 19.95 14.85 8.08
N THR B 334 19.74 14.00 7.07
CA THR B 334 20.87 13.24 6.47
C THR B 334 21.63 14.19 5.55
N PRO B 335 22.98 14.07 5.48
CA PRO B 335 23.75 14.84 4.50
C PRO B 335 23.17 14.78 3.07
N ILE B 336 23.00 13.58 2.50
CA ILE B 336 22.59 13.43 1.08
C ILE B 336 21.12 13.83 0.91
N GLY B 337 20.28 13.58 1.92
CA GLY B 337 18.82 13.82 1.82
C GLY B 337 18.52 15.29 1.68
N ASP B 338 19.07 16.12 2.57
CA ASP B 338 18.75 17.57 2.61
C ASP B 338 19.32 18.24 1.36
N ALA B 339 20.49 17.83 0.88
CA ALA B 339 21.12 18.35 -0.36
C ALA B 339 20.20 18.08 -1.56
N ALA B 340 19.68 16.85 -1.68
CA ALA B 340 18.78 16.47 -2.79
C ALA B 340 17.51 17.33 -2.74
N GLU B 341 16.93 17.50 -1.54
CA GLU B 341 15.65 18.23 -1.41
C GLU B 341 15.86 19.72 -1.76
N ALA B 342 16.99 20.31 -1.37
CA ALA B 342 17.30 21.71 -1.71
C ALA B 342 17.28 21.86 -3.23
N ASN B 343 17.89 20.91 -3.96
CA ASN B 343 17.88 20.88 -5.45
C ASN B 343 16.43 20.73 -5.96
N ALA B 344 15.62 19.87 -5.34
CA ALA B 344 14.21 19.62 -5.74
C ALA B 344 13.39 20.91 -5.64
N ILE B 345 13.52 21.62 -4.52
CA ILE B 345 12.78 22.88 -4.27
C ILE B 345 13.18 23.92 -5.34
N ARG B 346 14.46 23.96 -5.73
CA ARG B 346 14.95 24.84 -6.83
C ARG B 346 14.33 24.42 -8.16
N VAL B 347 14.34 23.11 -8.48
CA VAL B 347 13.77 22.57 -9.76
C VAL B 347 12.30 23.00 -9.85
N ALA B 348 11.56 22.94 -8.76
CA ALA B 348 10.11 23.25 -8.70
C ALA B 348 9.87 24.76 -8.75
N GLY B 349 10.93 25.57 -8.66
CA GLY B 349 10.83 27.05 -8.68
C GLY B 349 10.27 27.61 -7.38
N CYS B 350 10.42 26.88 -6.27
CA CYS B 350 9.81 27.21 -4.95
C CYS B 350 10.89 27.67 -3.95
N ASP B 351 12.07 28.08 -4.42
CA ASP B 351 13.24 28.33 -3.53
C ASP B 351 13.14 29.71 -2.86
N GLN B 352 12.11 30.50 -3.16
CA GLN B 352 11.82 31.77 -2.43
C GLN B 352 10.79 31.53 -1.31
N ALA B 353 10.24 30.31 -1.22
CA ALA B 353 9.25 29.94 -0.18
C ALA B 353 9.96 29.86 1.19
N ALA B 354 9.25 30.16 2.26
CA ALA B 354 9.69 29.95 3.66
C ALA B 354 9.70 28.44 3.94
N VAL B 355 10.84 27.88 4.35
CA VAL B 355 11.02 26.42 4.54
C VAL B 355 11.05 26.09 6.03
N TYR B 356 10.26 25.10 6.44
CA TYR B 356 10.24 24.52 7.80
C TYR B 356 10.56 23.03 7.70
N ALA B 357 11.44 22.53 8.58
CA ALA B 357 11.75 21.10 8.73
C ALA B 357 11.30 20.64 10.12
N PRO B 358 10.03 20.18 10.28
CA PRO B 358 9.52 19.77 11.59
C PRO B 358 10.27 18.62 12.26
N LYS B 359 10.98 17.79 11.50
CA LYS B 359 11.77 16.67 12.08
C LYS B 359 12.84 17.22 13.02
N SER B 360 13.18 18.50 12.88
CA SER B 360 14.11 19.21 13.81
C SER B 360 13.61 19.14 15.26
N ALA B 361 12.30 19.08 15.48
CA ALA B 361 11.64 19.12 16.80
C ALA B 361 10.92 17.81 17.12
N LEU B 362 10.28 17.19 16.13
CA LEU B 362 9.41 16.00 16.36
C LEU B 362 10.11 14.71 15.93
N GLY B 363 11.29 14.81 15.29
CA GLY B 363 11.99 13.64 14.76
C GLY B 363 11.20 12.96 13.65
N HIS B 364 11.64 11.76 13.28
CA HIS B 364 11.20 11.00 12.09
C HIS B 364 10.32 9.83 12.53
N SER B 365 9.07 9.79 12.06
CA SER B 365 8.08 8.72 12.37
C SER B 365 7.78 7.87 11.13
N ILE B 366 8.70 7.84 10.17
CA ILE B 366 8.67 6.92 8.99
C ILE B 366 7.26 6.96 8.35
N GLY B 367 6.47 5.89 8.45
CA GLY B 367 5.20 5.79 7.70
C GLY B 367 4.15 6.82 8.14
N ALA B 368 4.30 7.40 9.33
CA ALA B 368 3.35 8.39 9.89
C ALA B 368 3.74 9.82 9.51
N VAL B 369 5.02 10.06 9.19
CA VAL B 369 5.58 11.44 9.30
C VAL B 369 4.97 12.37 8.23
N GLY B 370 4.72 11.87 7.02
CA GLY B 370 4.08 12.66 5.94
C GLY B 370 2.71 13.15 6.36
N ALA B 371 1.95 12.32 7.09
CA ALA B 371 0.60 12.66 7.60
C ALA B 371 0.74 13.72 8.69
N LEU B 372 1.68 13.52 9.62
CA LEU B 372 1.93 14.49 10.72
C LEU B 372 2.28 15.86 10.12
N GLU B 373 3.14 15.88 9.11
CA GLU B 373 3.64 17.15 8.50
C GLU B 373 2.53 17.78 7.65
N SER B 374 1.64 16.98 7.06
CA SER B 374 0.42 17.49 6.37
C SER B 374 -0.45 18.24 7.38
N VAL B 375 -0.66 17.67 8.56
CA VAL B 375 -1.44 18.32 9.65
C VAL B 375 -0.73 19.63 10.03
N LEU B 376 0.59 19.62 10.18
CA LEU B 376 1.35 20.84 10.56
C LEU B 376 1.19 21.91 9.46
N THR B 377 1.16 21.50 8.19
CA THR B 377 0.99 22.43 7.03
C THR B 377 -0.40 23.08 7.12
N VAL B 378 -1.43 22.28 7.41
CA VAL B 378 -2.82 22.79 7.61
C VAL B 378 -2.83 23.84 8.73
N LEU B 379 -2.17 23.58 9.86
CA LEU B 379 -2.16 24.51 11.03
C LEU B 379 -1.40 25.79 10.67
N THR B 380 -0.32 25.70 9.87
CA THR B 380 0.45 26.88 9.37
C THR B 380 -0.49 27.82 8.62
N LEU B 381 -1.33 27.28 7.72
CA LEU B 381 -2.25 28.07 6.87
C LEU B 381 -3.40 28.60 7.73
N ARG B 382 -3.92 27.79 8.65
CA ARG B 382 -5.04 28.17 9.57
C ARG B 382 -4.60 29.37 10.41
N ASP B 383 -3.37 29.33 10.96
CA ASP B 383 -2.92 30.29 12.01
C ASP B 383 -1.94 31.33 11.45
N GLY B 384 -1.54 31.23 10.17
CA GLY B 384 -0.60 32.15 9.53
C GLY B 384 0.71 32.24 10.30
N VAL B 385 1.29 31.10 10.64
CA VAL B 385 2.58 31.02 11.39
C VAL B 385 3.32 29.74 11.01
N ILE B 386 4.63 29.85 10.86
CA ILE B 386 5.58 28.72 10.64
C ILE B 386 6.44 28.61 11.89
N PRO B 387 6.51 27.45 12.56
CA PRO B 387 7.40 27.28 13.70
C PRO B 387 8.86 27.36 13.28
N PRO B 388 9.80 27.61 14.22
CA PRO B 388 11.22 27.64 13.88
C PRO B 388 11.76 26.23 13.62
N THR B 389 12.60 26.08 12.59
CA THR B 389 13.44 24.87 12.39
C THR B 389 14.49 24.88 13.51
N LEU B 390 14.39 23.95 14.46
CA LEU B 390 15.36 23.85 15.59
C LEU B 390 16.75 23.52 15.04
N ASN B 391 17.78 24.04 15.71
CA ASN B 391 19.20 23.62 15.58
C ASN B 391 19.80 24.16 14.28
N TYR B 392 19.11 25.07 13.58
CA TYR B 392 19.61 25.67 12.32
C TYR B 392 20.55 26.83 12.71
N GLU B 393 21.85 26.54 12.77
CA GLU B 393 22.87 27.47 13.36
C GLU B 393 23.97 27.82 12.36
N THR B 394 24.29 26.92 11.43
CA THR B 394 25.37 27.11 10.42
C THR B 394 24.82 26.78 9.03
N PRO B 395 24.46 27.80 8.22
CA PRO B 395 24.01 27.56 6.84
C PRO B 395 25.02 26.76 6.01
N ASP B 396 24.49 25.84 5.20
CA ASP B 396 25.24 24.96 4.26
C ASP B 396 25.19 25.60 2.87
N PRO B 397 26.34 25.94 2.25
CA PRO B 397 26.36 26.55 0.91
C PRO B 397 25.56 25.79 -0.17
N GLU B 398 25.48 24.46 -0.06
CA GLU B 398 24.80 23.58 -1.04
C GLU B 398 23.27 23.69 -0.93
N ILE B 399 22.75 24.26 0.17
CA ILE B 399 21.29 24.28 0.46
C ILE B 399 20.69 25.59 -0.07
N ASP B 400 21.15 26.74 0.42
CA ASP B 400 20.71 28.10 -0.02
C ASP B 400 19.17 28.15 -0.06
N LEU B 401 18.52 27.90 1.07
CA LEU B 401 17.03 27.99 1.23
C LEU B 401 16.72 29.03 2.30
N ASP B 402 15.51 29.59 2.25
CA ASP B 402 14.97 30.49 3.31
C ASP B 402 14.41 29.62 4.43
N VAL B 403 15.29 29.09 5.28
CA VAL B 403 14.93 28.20 6.42
C VAL B 403 14.43 29.08 7.56
N VAL B 404 13.18 28.88 7.99
CA VAL B 404 12.59 29.57 9.17
C VAL B 404 13.35 29.06 10.40
N ALA B 405 13.92 29.98 11.19
CA ALA B 405 14.81 29.61 12.33
C ALA B 405 14.78 30.71 13.40
N GLY B 406 15.06 30.33 14.65
CA GLY B 406 15.27 31.26 15.78
C GLY B 406 13.97 31.57 16.49
N GLU B 407 12.93 31.93 15.74
CA GLU B 407 11.57 32.27 16.25
C GLU B 407 10.54 31.89 15.21
N PRO B 408 9.27 31.66 15.60
CA PRO B 408 8.22 31.39 14.62
C PRO B 408 8.04 32.59 13.68
N ARG B 409 7.70 32.34 12.42
CA ARG B 409 7.51 33.40 11.40
C ARG B 409 6.01 33.56 11.12
N TYR B 410 5.45 34.72 11.49
CA TYR B 410 4.03 35.08 11.25
C TYR B 410 3.93 35.68 9.85
N GLY B 411 2.86 35.34 9.12
CA GLY B 411 2.65 35.84 7.75
C GLY B 411 1.28 35.44 7.20
N ASP B 412 0.84 36.17 6.17
N ASP B 412 0.83 36.18 6.19
CA ASP B 412 -0.44 35.95 5.45
CA ASP B 412 -0.45 35.94 5.47
C ASP B 412 -0.24 34.83 4.42
C ASP B 412 -0.23 34.83 4.43
N TYR B 413 0.07 33.61 4.89
CA TYR B 413 0.40 32.45 4.03
C TYR B 413 -0.87 31.96 3.33
N ARG B 414 -0.86 31.93 2.00
CA ARG B 414 -2.03 31.59 1.15
C ARG B 414 -1.92 30.14 0.66
N TYR B 415 -0.72 29.71 0.25
CA TYR B 415 -0.49 28.38 -0.36
C TYR B 415 0.81 27.78 0.16
N ALA B 416 0.79 26.46 0.40
CA ALA B 416 1.93 25.71 0.95
C ALA B 416 2.02 24.35 0.27
N VAL B 417 3.25 23.83 0.13
CA VAL B 417 3.51 22.44 -0.36
C VAL B 417 4.15 21.67 0.79
N ASN B 418 3.59 20.51 1.12
CA ASN B 418 4.22 19.55 2.06
C ASN B 418 4.96 18.50 1.24
N ASN B 419 6.27 18.37 1.48
CA ASN B 419 7.15 17.38 0.83
C ASN B 419 7.32 16.15 1.73
N SER B 420 7.32 14.97 1.14
CA SER B 420 7.58 13.69 1.83
C SER B 420 8.20 12.73 0.81
N PHE B 421 9.38 12.22 1.12
CA PHE B 421 10.15 11.31 0.22
C PHE B 421 10.41 10.01 0.98
N GLY B 422 10.45 8.90 0.26
CA GLY B 422 10.58 7.55 0.84
C GLY B 422 11.74 6.79 0.26
N PHE B 423 12.46 6.04 1.11
CA PHE B 423 13.44 5.01 0.68
C PHE B 423 12.78 4.16 -0.41
N GLY B 424 13.51 3.93 -1.51
CA GLY B 424 12.99 3.33 -2.75
C GLY B 424 12.83 4.36 -3.87
N GLY B 425 12.88 5.65 -3.53
CA GLY B 425 12.84 6.77 -4.50
C GLY B 425 11.42 7.29 -4.73
N HIS B 426 10.56 7.24 -3.71
CA HIS B 426 9.15 7.68 -3.79
C HIS B 426 9.06 9.16 -3.40
N ASN B 427 8.43 9.96 -4.25
CA ASN B 427 8.26 11.43 -4.05
C ASN B 427 6.78 11.77 -4.00
N VAL B 428 6.36 12.38 -2.89
CA VAL B 428 4.94 12.84 -2.71
C VAL B 428 4.97 14.31 -2.31
N ALA B 429 4.26 15.14 -3.06
CA ALA B 429 4.04 16.57 -2.72
C ALA B 429 2.54 16.83 -2.62
N LEU B 430 2.11 17.50 -1.55
CA LEU B 430 0.70 17.86 -1.33
C LEU B 430 0.60 19.39 -1.30
N ALA B 431 -0.26 19.95 -2.15
CA ALA B 431 -0.52 21.40 -2.22
C ALA B 431 -1.75 21.74 -1.36
N PHE B 432 -1.56 22.61 -0.37
CA PHE B 432 -2.62 23.08 0.56
C PHE B 432 -2.85 24.58 0.35
N GLY B 433 -4.09 25.03 0.58
CA GLY B 433 -4.48 26.44 0.50
C GLY B 433 -5.13 26.90 1.78
N ARG B 434 -4.96 28.18 2.13
CA ARG B 434 -5.69 28.82 3.25
C ARG B 434 -7.19 28.81 2.88
N TYR B 435 -8.05 28.51 3.85
CA TYR B 435 -9.53 28.60 3.70
C TYR B 435 -9.95 30.04 4.06
C1 EDO C . -20.40 -26.17 -20.01
O1 EDO C . -19.75 -24.98 -20.40
C2 EDO C . -21.16 -26.05 -18.72
O2 EDO C . -20.61 -25.12 -17.81
C1 EDO D . 20.35 -9.19 7.36
O1 EDO D . 20.14 -8.18 8.34
C2 EDO D . 19.44 -9.07 6.20
O2 EDO D . 18.09 -9.38 6.50
C1 EDO E . -7.81 -26.09 9.63
O1 EDO E . -9.06 -25.69 10.14
C2 EDO E . -7.52 -25.54 8.28
O2 EDO E . -7.62 -24.14 8.19
C1 EDO F . 18.88 -3.87 -7.61
O1 EDO F . 18.16 -4.99 -8.10
C2 EDO F . 18.41 -3.43 -6.27
O2 EDO F . 19.19 -3.96 -5.21
C1 EDO G . -22.89 -14.56 -23.00
O1 EDO G . -22.94 -13.46 -22.11
C2 EDO G . -21.54 -15.17 -23.08
O2 EDO G . -21.03 -15.58 -21.83
C20 O6Z H . 5.36 -13.47 2.14
C22 O6Z H . 6.70 -13.35 2.45
C24 O6Z H . 7.42 -14.49 2.80
C28 O6Z H . 7.85 -16.63 3.23
C01 O6Z H . 1.06 -18.73 -1.72
C05 O6Z H . 1.90 -18.67 -0.45
C08 O6Z H . 1.74 -17.37 0.34
C11 O6Z H . 2.21 -17.34 1.80
S14 O6Z H . 2.21 -15.69 2.52
O15 O6Z H . 2.58 -15.83 3.90
O16 O6Z H . 0.97 -15.08 2.20
N17 O6Z H . 3.35 -14.80 1.81
C19 O6Z H . 4.73 -14.72 2.18
N25 O6Z H . 8.72 -14.67 3.16
N27 O6Z H . 8.99 -15.99 3.41
C30 O6Z H . 6.81 -15.75 2.85
C31 O6Z H . 5.46 -15.86 2.52
NA NA I . -10.92 -13.33 -9.98
O1 PG4 J . -0.76 -10.70 4.63
C1 PG4 J . -0.31 -11.16 5.89
C2 PG4 J . 0.12 -12.59 5.86
O2 PG4 J . 0.76 -12.93 7.09
C3 PG4 J . 1.24 -14.26 7.11
C4 PG4 J . 1.63 -14.63 8.51
O3 PG4 J . 2.91 -15.26 8.52
C5 PG4 J . 3.99 -14.34 8.32
C6 PG4 J . 4.79 -14.77 7.13
O4 PG4 J . 6.12 -15.05 7.54
C7 PG4 J . 7.08 -14.87 6.51
C8 PG4 J . 8.45 -14.74 7.11
O5 PG4 J . 9.00 -16.00 7.47
C1 EDO K . 25.36 5.02 13.35
O1 EDO K . 26.40 5.86 12.91
C2 EDO K . 24.01 5.65 13.26
O2 EDO K . 23.67 6.04 11.95
C1 EDO L . 14.73 10.35 1.72
O1 EDO L . 16.15 10.40 1.77
C2 EDO L . 14.15 9.28 2.58
O2 EDO L . 14.02 9.65 3.94
C1 EDO M . -20.23 7.08 9.78
O1 EDO M . -21.19 8.10 10.01
C2 EDO M . -20.71 6.07 8.80
O2 EDO M . -21.85 5.36 9.23
C1 EDO N . 8.87 -21.56 11.01
O1 EDO N . 9.52 -20.48 10.38
C2 EDO N . 9.40 -21.84 12.36
O2 EDO N . 10.81 -22.00 12.38
C1 EDO O . 14.78 14.25 -0.74
O1 EDO O . 16.07 13.90 -0.29
C2 EDO O . 14.71 14.55 -2.19
O2 EDO O . 14.73 13.40 -3.00
C20 O6Z P . 6.80 -0.82 13.01
C22 O6Z P . 6.23 -1.84 13.75
C24 O6Z P . 6.83 -2.19 14.96
C28 O6Z P . 8.25 -2.15 16.68
C01 O6Z P . 9.42 5.98 14.97
C05 O6Z P . 9.97 4.58 15.15
C08 O6Z P . 9.69 3.66 13.97
C11 O6Z P . 10.48 2.39 13.85
S14 O6Z P . 9.99 1.36 12.47
O15 O6Z P . 10.78 0.18 12.53
O16 O6Z P . 10.05 2.18 11.29
N17 O6Z P . 8.46 0.91 12.65
C19 O6Z P . 7.94 -0.16 13.46
N25 O6Z P . 6.50 -3.12 15.90
N27 O6Z P . 7.38 -3.11 16.94
C30 O6Z P . 7.96 -1.53 15.44
C31 O6Z P . 8.52 -0.50 14.68
NA NA Q . 7.22 17.78 5.12
O1 PG4 R . 9.69 0.88 6.49
C1 PG4 R . 10.40 -0.33 6.72
C2 PG4 R . 11.11 -0.31 8.03
O2 PG4 R . 12.32 -1.09 7.93
C3 PG4 R . 12.33 -2.22 8.79
C4 PG4 R . 12.94 -1.86 10.11
O3 PG4 R . 13.55 -3.00 10.71
C5 PG4 R . 12.63 -3.99 11.12
C6 PG4 R . 11.91 -3.55 12.36
O4 PG4 R . 11.32 -4.67 13.00
C7 PG4 R . 10.19 -4.33 13.80
C8 PG4 R . 9.72 -5.54 14.56
O5 PG4 R . 10.11 -5.51 15.92
#